data_4HYV
#
_entry.id   4HYV
#
_cell.length_a   103.410
_cell.length_b   108.930
_cell.length_c   263.340
_cell.angle_alpha   90.00
_cell.angle_beta   90.00
_cell.angle_gamma   90.00
#
_symmetry.space_group_name_H-M   'I 2 2 2'
#
loop_
_entity.id
_entity.type
_entity.pdbx_description
1 polymer 'Pyruvate kinase 1'
2 non-polymer 'MAGNESIUM ION'
3 non-polymer 'POTASSIUM ION'
4 non-polymer PHOSPHOENOLPYRUVATE
5 non-polymer 2,6-di-O-phosphono-beta-D-fructofuranose
6 non-polymer GLYCEROL
7 non-polymer 'CHLORIDE ION'
8 water water
#
_entity_poly.entity_id   1
_entity_poly.type   'polypeptide(L)'
_entity_poly.pdbx_seq_one_letter_code
;MSQLEHNIGLSIFEPVAKHRANRIVCTIGPSTQSVEALKNLMKSGMSVARMNFSHGSHEYHQTTINNVRAAAAELGLHIG
IALDTKGPEIRTGLFKDGEVSFAPGDIVCVTTDPAYEKVGTKEKFYIDYPQLTNAVRPGGSIYVDDGVMTLRVVSKEDDR
TLKCHVNNHHRLTDRRGINLPGCEVDLPAVSEKDRKDLEFGVAQGVDMIFASFIRTAEQVREVRAALGEKGKDILIISKI
ENHQGVQNIDSIIEASNGIMVARGDLGVEIPAEKVCVAQMCIISKCNVVGKPVICATQMLESMTSNPRPTRAEVSDVANA
VLNGADCVMLSGETAKGKYPNEVVQYMARICVEAQSATHDTVMFNSIKNLQKIPMCPEEAVCSSAVASAFEVQAKAMLVL
SNTGRSARLISKYRPNCPIICVTTRLQTCRQLNVTRSVVSVFYDAAKSGEDKDKEKRVKLGLDFAKKEKYASTGDVVVVV
HADHSVKGYPNQTRLIYLP
;
_entity_poly.pdbx_strand_id   A,B
#
# COMPACT_ATOMS: atom_id res chain seq x y z
N SER A 2 7.23 0.17 20.75
CA SER A 2 6.02 0.44 19.96
C SER A 2 6.36 0.49 18.48
N GLN A 3 5.33 0.35 17.62
CA GLN A 3 5.51 0.52 16.18
C GLN A 3 6.05 1.92 15.89
N LEU A 4 5.50 2.89 16.62
CA LEU A 4 5.86 4.28 16.40
C LEU A 4 7.34 4.53 16.68
N GLU A 5 7.81 4.02 17.80
CA GLU A 5 9.18 4.17 18.15
C GLU A 5 10.07 3.43 17.16
N HIS A 6 9.64 2.27 16.73
CA HIS A 6 10.40 1.55 15.71
C HIS A 6 10.47 2.39 14.44
N ASN A 7 9.35 2.99 14.06
CA ASN A 7 9.31 3.76 12.81
C ASN A 7 10.27 4.93 12.80
N ILE A 8 10.34 5.67 13.91
CA ILE A 8 11.12 6.89 13.88
C ILE A 8 12.62 6.57 13.81
N GLY A 9 12.98 5.31 14.10
CA GLY A 9 14.35 4.85 14.02
C GLY A 9 14.76 4.34 12.63
N LEU A 10 13.79 4.12 11.73
CA LEU A 10 14.10 3.59 10.38
C LEU A 10 15.05 4.53 9.59
N SER A 11 15.89 3.92 8.75
CA SER A 11 16.83 4.67 7.90
C SER A 11 16.76 4.15 6.47
N ILE A 12 16.86 5.04 5.49
CA ILE A 12 16.92 4.58 4.11
C ILE A 12 18.37 4.34 3.70
N PHE A 13 19.31 4.57 4.61
CA PHE A 13 20.76 4.53 4.26
C PHE A 13 21.49 3.29 4.78
N GLU A 14 20.81 2.46 5.57
CA GLU A 14 21.38 1.22 6.05
C GLU A 14 21.38 0.18 4.93
N PRO A 15 22.33 -0.77 4.97
CA PRO A 15 22.25 -1.94 4.10
C PRO A 15 20.93 -2.69 4.33
N VAL A 16 20.35 -3.26 3.29
CA VAL A 16 19.19 -4.16 3.47
C VAL A 16 19.58 -5.63 3.65
N ALA A 17 18.62 -6.42 4.12
CA ALA A 17 18.77 -7.83 4.27
C ALA A 17 19.37 -8.45 3.01
N LYS A 18 20.22 -9.46 3.19
CA LYS A 18 20.85 -10.13 2.03
C LYS A 18 20.02 -11.29 1.49
N HIS A 19 19.13 -11.81 2.31
CA HIS A 19 18.36 -13.01 1.94
C HIS A 19 16.92 -12.78 2.06
N ARG A 20 16.24 -12.83 0.94
CA ARG A 20 14.84 -12.48 0.89
C ARG A 20 13.99 -13.56 1.56
N ALA A 21 13.20 -13.17 2.54
CA ALA A 21 12.37 -14.13 3.31
C ALA A 21 11.00 -14.43 2.65
N ASN A 22 10.39 -13.43 2.00
CA ASN A 22 9.08 -13.62 1.39
C ASN A 22 9.15 -14.27 0.01
N ARG A 23 8.01 -14.74 -0.49
CA ARG A 23 8.03 -15.58 -1.65
C ARG A 23 7.08 -15.06 -2.69
N ILE A 24 7.45 -15.22 -3.95
CA ILE A 24 6.71 -14.64 -5.05
C ILE A 24 6.06 -15.72 -5.93
N VAL A 25 4.74 -15.59 -6.11
CA VAL A 25 3.98 -16.47 -7.00
C VAL A 25 3.70 -15.72 -8.32
N CYS A 26 4.08 -16.33 -9.45
CA CYS A 26 3.82 -15.71 -10.77
C CYS A 26 2.83 -16.53 -11.61
N THR A 27 1.82 -15.86 -12.17
CA THR A 27 0.96 -16.49 -13.16
C THR A 27 1.59 -16.58 -14.54
N ILE A 28 1.56 -17.78 -15.12
CA ILE A 28 2.13 -18.05 -16.46
C ILE A 28 1.13 -17.76 -17.58
N GLY A 29 1.59 -17.06 -18.62
CA GLY A 29 0.80 -16.85 -19.83
C GLY A 29 1.72 -16.75 -21.03
N PRO A 30 1.25 -16.09 -22.11
CA PRO A 30 2.07 -16.00 -23.35
C PRO A 30 3.40 -15.26 -23.15
N SER A 31 3.43 -14.25 -22.29
CA SER A 31 4.68 -13.57 -21.94
C SER A 31 5.72 -14.51 -21.34
N THR A 32 5.26 -15.58 -20.69
CA THR A 32 6.12 -16.27 -19.73
C THR A 32 6.19 -17.79 -19.84
N GLN A 33 5.54 -18.37 -20.85
CA GLN A 33 5.45 -19.83 -20.95
C GLN A 33 6.67 -20.55 -21.51
N SER A 34 7.48 -19.88 -22.34
CA SER A 34 8.70 -20.54 -22.88
C SER A 34 9.70 -20.89 -21.78
N VAL A 35 10.43 -21.99 -22.00
CA VAL A 35 11.49 -22.43 -21.09
C VAL A 35 12.45 -21.29 -20.78
N GLU A 36 12.85 -20.57 -21.82
CA GLU A 36 13.74 -19.43 -21.68
C GLU A 36 13.11 -18.36 -20.76
N ALA A 37 11.84 -18.01 -21.01
CA ALA A 37 11.19 -16.96 -20.24
C ALA A 37 10.97 -17.41 -18.78
N LEU A 38 10.73 -18.69 -18.57
CA LEU A 38 10.56 -19.24 -17.23
C LEU A 38 11.85 -19.22 -16.43
N LYS A 39 12.95 -19.65 -17.06
CA LYS A 39 14.28 -19.50 -16.48
C LYS A 39 14.54 -18.09 -15.97
N ASN A 40 14.13 -17.11 -16.73
CA ASN A 40 14.40 -15.73 -16.37
C ASN A 40 13.48 -15.27 -15.25
N LEU A 41 12.26 -15.80 -15.22
CA LEU A 41 11.36 -15.52 -14.12
C LEU A 41 11.93 -16.11 -12.86
N MET A 42 12.46 -17.34 -12.96
CA MET A 42 13.03 -18.00 -11.81
C MET A 42 14.24 -17.23 -11.32
N LYS A 43 15.08 -16.81 -12.28
CA LYS A 43 16.24 -16.00 -11.92
C LYS A 43 15.79 -14.70 -11.27
N SER A 44 14.64 -14.18 -11.67
CA SER A 44 14.19 -12.87 -11.19
C SER A 44 13.58 -13.02 -9.78
N GLY A 45 13.15 -14.24 -9.45
CA GLY A 45 12.71 -14.53 -8.08
C GLY A 45 11.37 -15.25 -7.96
N MET A 46 10.81 -15.76 -9.07
CA MET A 46 9.62 -16.63 -8.97
C MET A 46 9.92 -17.87 -8.16
N SER A 47 9.05 -18.18 -7.18
CA SER A 47 9.16 -19.45 -6.39
C SER A 47 8.08 -20.43 -6.72
N VAL A 48 6.94 -19.94 -7.21
CA VAL A 48 5.80 -20.79 -7.56
C VAL A 48 5.20 -20.30 -8.86
N ALA A 49 4.94 -21.24 -9.77
CA ALA A 49 4.30 -20.93 -11.04
C ALA A 49 2.83 -21.26 -10.92
N ARG A 50 2.00 -20.30 -11.22
CA ARG A 50 0.53 -20.52 -11.12
C ARG A 50 -0.07 -20.71 -12.49
N MET A 51 -0.81 -21.80 -12.66
CA MET A 51 -1.58 -21.97 -13.88
C MET A 51 -3.03 -21.62 -13.64
N ASN A 52 -3.55 -20.72 -14.44
CA ASN A 52 -4.88 -20.24 -14.21
C ASN A 52 -5.87 -20.95 -15.13
N PHE A 53 -6.58 -21.92 -14.57
CA PHE A 53 -7.41 -22.80 -15.37
C PHE A 53 -8.76 -22.16 -15.72
N SER A 54 -8.89 -20.88 -15.43
CA SER A 54 -9.91 -20.09 -16.06
C SER A 54 -9.81 -20.07 -17.58
N HIS A 55 -8.60 -20.29 -18.10
CA HIS A 55 -8.34 -20.12 -19.53
C HIS A 55 -7.42 -21.20 -19.93
N GLY A 56 -7.48 -21.58 -21.21
CA GLY A 56 -6.54 -22.56 -21.77
C GLY A 56 -6.98 -24.01 -21.66
N SER A 57 -6.49 -24.85 -22.55
CA SER A 57 -6.79 -26.27 -22.54
C SER A 57 -5.78 -27.00 -21.65
N HIS A 58 -6.04 -28.28 -21.40
CA HIS A 58 -5.07 -29.13 -20.73
C HIS A 58 -3.75 -29.19 -21.45
N GLU A 59 -3.78 -29.23 -22.78
CA GLU A 59 -2.54 -29.22 -23.51
C GLU A 59 -1.69 -27.95 -23.23
N TYR A 60 -2.35 -26.79 -23.19
CA TYR A 60 -1.66 -25.54 -22.89
C TYR A 60 -0.94 -25.63 -21.53
N HIS A 61 -1.65 -26.12 -20.53
CA HIS A 61 -1.09 -26.19 -19.19
C HIS A 61 -0.07 -27.27 -19.07
N GLN A 62 -0.21 -28.31 -19.88
CA GLN A 62 0.77 -29.37 -19.93
C GLN A 62 2.08 -28.79 -20.40
N THR A 63 2.03 -27.94 -21.40
CA THR A 63 3.23 -27.21 -21.82
C THR A 63 3.82 -26.36 -20.68
N THR A 64 2.96 -25.70 -19.91
CA THR A 64 3.44 -24.95 -18.76
C THR A 64 4.17 -25.86 -17.75
N ILE A 65 3.51 -26.95 -17.38
CA ILE A 65 4.12 -27.93 -16.47
C ILE A 65 5.48 -28.41 -16.96
N ASN A 66 5.55 -28.78 -18.24
CA ASN A 66 6.77 -29.33 -18.79
C ASN A 66 7.87 -28.29 -18.85
N ASN A 67 7.51 -27.10 -19.34
CA ASN A 67 8.45 -26.02 -19.42
C ASN A 67 9.01 -25.57 -18.04
N VAL A 68 8.14 -25.53 -17.04
CA VAL A 68 8.60 -25.17 -15.70
C VAL A 68 9.61 -26.22 -15.19
N ARG A 69 9.30 -27.49 -15.39
CA ARG A 69 10.21 -28.53 -14.91
C ARG A 69 11.58 -28.48 -15.61
N ALA A 70 11.56 -28.15 -16.90
CA ALA A 70 12.82 -28.09 -17.66
C ALA A 70 13.65 -26.89 -17.24
N ALA A 71 13.01 -25.73 -17.17
CA ALA A 71 13.65 -24.53 -16.65
C ALA A 71 14.25 -24.78 -15.26
N ALA A 72 13.46 -25.40 -14.39
CA ALA A 72 13.88 -25.56 -13.01
C ALA A 72 15.05 -26.53 -12.94
N ALA A 73 14.97 -27.60 -13.72
CA ALA A 73 16.08 -28.59 -13.76
C ALA A 73 17.37 -28.00 -14.32
N GLU A 74 17.26 -27.11 -15.31
CA GLU A 74 18.46 -26.47 -15.84
C GLU A 74 19.15 -25.62 -14.78
N LEU A 75 18.35 -24.94 -13.97
CA LEU A 75 18.90 -24.03 -12.99
C LEU A 75 19.16 -24.73 -11.66
N GLY A 76 18.70 -25.96 -11.54
CA GLY A 76 18.84 -26.68 -10.28
C GLY A 76 17.97 -26.15 -9.17
N LEU A 77 16.72 -25.81 -9.49
CA LEU A 77 15.81 -25.19 -8.50
C LEU A 77 14.60 -26.06 -8.26
N HIS A 78 13.98 -25.92 -7.09
CA HIS A 78 12.67 -26.54 -6.87
C HIS A 78 11.59 -25.50 -6.93
N ILE A 79 10.81 -25.54 -7.98
CA ILE A 79 9.79 -24.54 -8.17
C ILE A 79 8.41 -25.20 -7.97
N GLY A 80 7.59 -24.63 -7.12
CA GLY A 80 6.26 -25.19 -6.89
C GLY A 80 5.39 -24.92 -8.11
N ILE A 81 4.43 -25.80 -8.35
CA ILE A 81 3.48 -25.64 -9.43
C ILE A 81 2.07 -25.64 -8.87
N ALA A 82 1.35 -24.53 -9.10
CA ALA A 82 0.00 -24.38 -8.55
C ALA A 82 -1.02 -24.44 -9.64
N LEU A 83 -2.09 -25.20 -9.39
CA LEU A 83 -3.22 -25.25 -10.31
C LEU A 83 -4.32 -24.41 -9.70
N ASP A 84 -4.69 -23.33 -10.39
CA ASP A 84 -5.68 -22.40 -9.87
C ASP A 84 -6.97 -22.68 -10.62
N THR A 85 -8.02 -23.08 -9.91
CA THR A 85 -9.25 -23.52 -10.57
C THR A 85 -10.05 -22.36 -11.12
N LYS A 86 -10.76 -22.63 -12.21
CA LYS A 86 -11.83 -21.79 -12.67
C LYS A 86 -12.89 -21.60 -11.59
N GLY A 87 -13.44 -22.71 -11.08
CA GLY A 87 -14.49 -22.64 -10.06
C GLY A 87 -15.80 -22.06 -10.59
N PRO A 88 -16.71 -21.71 -9.68
CA PRO A 88 -18.00 -21.11 -10.01
C PRO A 88 -17.92 -19.73 -10.68
N GLU A 89 -17.09 -19.60 -11.70
CA GLU A 89 -16.98 -18.31 -12.44
C GLU A 89 -18.24 -18.04 -13.26
N ILE A 90 -18.54 -16.77 -13.48
CA ILE A 90 -19.61 -16.40 -14.41
C ILE A 90 -19.10 -15.36 -15.41
N ARG A 91 -19.43 -15.56 -16.69
CA ARG A 91 -18.91 -14.72 -17.78
C ARG A 91 -19.98 -14.37 -18.83
N THR A 92 -19.79 -13.25 -19.51
CA THR A 92 -20.54 -12.96 -20.73
C THR A 92 -20.17 -13.95 -21.84
N GLY A 93 -21.02 -14.01 -22.88
CA GLY A 93 -20.68 -14.67 -24.13
C GLY A 93 -19.78 -13.83 -25.02
N LEU A 94 -19.97 -13.94 -26.34
CA LEU A 94 -19.25 -13.10 -27.31
C LEU A 94 -20.13 -11.93 -27.79
N PHE A 95 -19.53 -11.01 -28.54
CA PHE A 95 -20.25 -9.80 -29.01
C PHE A 95 -20.08 -9.57 -30.51
N LYS A 96 -21.05 -8.89 -31.11
CA LYS A 96 -20.95 -8.42 -32.51
C LYS A 96 -19.71 -7.54 -32.71
N ASP A 97 -18.69 -8.10 -33.36
CA ASP A 97 -17.45 -7.38 -33.69
C ASP A 97 -16.40 -7.48 -32.58
N GLY A 98 -16.81 -8.04 -31.44
CA GLY A 98 -15.88 -8.34 -30.34
C GLY A 98 -15.86 -7.27 -29.27
N GLU A 99 -16.71 -6.25 -29.44
CA GLU A 99 -16.97 -5.25 -28.40
C GLU A 99 -18.27 -4.48 -28.69
N VAL A 100 -19.05 -4.23 -27.65
CA VAL A 100 -20.17 -3.28 -27.73
C VAL A 100 -19.92 -2.12 -26.74
N SER A 101 -20.57 -0.99 -26.96
CA SER A 101 -20.40 0.17 -26.10
C SER A 101 -21.74 0.59 -25.47
N PHE A 102 -21.73 0.81 -24.16
CA PHE A 102 -22.97 1.12 -23.44
C PHE A 102 -22.97 2.55 -22.91
N ALA A 103 -24.15 3.17 -22.90
CA ALA A 103 -24.32 4.48 -22.28
C ALA A 103 -25.27 4.38 -21.09
N PRO A 104 -25.05 5.22 -20.07
CA PRO A 104 -25.93 5.22 -18.89
C PRO A 104 -27.39 5.34 -19.30
N GLY A 105 -28.19 4.33 -18.99
CA GLY A 105 -29.61 4.35 -19.35
C GLY A 105 -29.95 3.57 -20.61
N ASP A 106 -28.93 3.07 -21.31
CA ASP A 106 -29.12 2.06 -22.36
C ASP A 106 -29.80 0.81 -21.78
N ILE A 107 -31.12 0.72 -21.91
CA ILE A 107 -31.88 -0.46 -21.46
C ILE A 107 -31.43 -1.71 -22.24
N VAL A 108 -31.01 -2.77 -21.52
CA VAL A 108 -30.34 -3.91 -22.16
C VAL A 108 -30.84 -5.26 -21.64
N CYS A 109 -31.10 -6.18 -22.59
CA CYS A 109 -31.58 -7.52 -22.25
C CYS A 109 -30.42 -8.51 -22.10
N VAL A 110 -30.31 -9.13 -20.94
CA VAL A 110 -29.34 -10.20 -20.76
C VAL A 110 -30.03 -11.57 -20.65
N THR A 111 -29.44 -12.57 -21.30
CA THR A 111 -30.14 -13.81 -21.51
C THR A 111 -29.25 -15.00 -21.16
N THR A 112 -29.86 -16.02 -20.55
CA THR A 112 -29.17 -17.27 -20.24
C THR A 112 -29.20 -18.22 -21.44
N ASP A 113 -29.86 -17.81 -22.51
CA ASP A 113 -30.13 -18.67 -23.64
C ASP A 113 -28.92 -18.70 -24.57
N PRO A 114 -28.29 -19.88 -24.70
CA PRO A 114 -26.96 -19.98 -25.32
C PRO A 114 -27.01 -19.64 -26.80
N ALA A 115 -28.23 -19.64 -27.37
CA ALA A 115 -28.41 -19.27 -28.77
C ALA A 115 -27.86 -17.87 -29.03
N TYR A 116 -27.66 -17.09 -27.97
CA TYR A 116 -27.12 -15.75 -28.13
C TYR A 116 -25.64 -15.67 -27.77
N GLU A 117 -25.03 -16.82 -27.50
CA GLU A 117 -23.69 -16.87 -26.95
C GLU A 117 -22.70 -16.08 -27.79
N LYS A 118 -22.65 -16.40 -29.08
CA LYS A 118 -21.68 -15.82 -30.01
C LYS A 118 -22.03 -14.38 -30.38
N VAL A 119 -23.32 -14.06 -30.30
CA VAL A 119 -23.89 -12.96 -31.10
C VAL A 119 -24.41 -11.77 -30.26
N GLY A 120 -23.68 -11.41 -29.21
CA GLY A 120 -24.13 -10.38 -28.26
C GLY A 120 -24.11 -8.99 -28.86
N THR A 121 -25.06 -8.15 -28.46
CA THR A 121 -25.19 -6.82 -29.03
C THR A 121 -25.62 -5.83 -27.95
N LYS A 122 -25.64 -4.55 -28.30
CA LYS A 122 -25.94 -3.49 -27.34
C LYS A 122 -27.26 -3.73 -26.59
N GLU A 123 -28.19 -4.48 -27.21
CA GLU A 123 -29.54 -4.65 -26.66
C GLU A 123 -29.84 -6.07 -26.15
N LYS A 124 -29.07 -7.04 -26.61
CA LYS A 124 -29.18 -8.39 -26.10
C LYS A 124 -27.83 -9.12 -26.07
N PHE A 125 -27.44 -9.59 -24.88
CA PHE A 125 -26.27 -10.49 -24.78
C PHE A 125 -26.39 -11.64 -23.77
N TYR A 126 -25.45 -12.56 -23.86
CA TYR A 126 -25.54 -13.82 -23.19
C TYR A 126 -24.66 -13.82 -21.93
N ILE A 127 -25.15 -14.47 -20.87
CA ILE A 127 -24.35 -14.76 -19.68
C ILE A 127 -24.48 -16.24 -19.34
N ASP A 128 -23.39 -16.85 -18.94
CA ASP A 128 -23.32 -18.31 -18.90
C ASP A 128 -23.78 -18.95 -17.57
N TYR A 129 -24.62 -18.24 -16.82
CA TYR A 129 -25.16 -18.77 -15.57
C TYR A 129 -26.68 -19.04 -15.72
N PRO A 130 -27.05 -20.33 -15.84
CA PRO A 130 -28.39 -20.65 -16.34
C PRO A 130 -29.44 -20.26 -15.35
N GLN A 131 -29.08 -20.20 -14.05
CA GLN A 131 -30.05 -19.81 -13.01
C GLN A 131 -30.05 -18.31 -12.74
N LEU A 132 -29.58 -17.52 -13.71
CA LEU A 132 -29.51 -16.07 -13.54
C LEU A 132 -30.80 -15.45 -12.99
N THR A 133 -31.92 -15.74 -13.65
CA THR A 133 -33.19 -15.08 -13.33
C THR A 133 -33.83 -15.56 -12.02
N ASN A 134 -33.29 -16.63 -11.41
CA ASN A 134 -33.52 -16.91 -9.98
C ASN A 134 -32.62 -16.09 -9.06
N ALA A 135 -31.35 -15.97 -9.43
CA ALA A 135 -30.33 -15.49 -8.50
C ALA A 135 -30.51 -14.01 -8.22
N VAL A 136 -30.88 -13.24 -9.25
CA VAL A 136 -31.05 -11.80 -9.12
C VAL A 136 -32.43 -11.34 -9.63
N ARG A 137 -33.19 -10.66 -8.77
CA ARG A 137 -34.54 -10.19 -9.09
C ARG A 137 -34.58 -8.69 -9.34
N PRO A 138 -35.74 -8.18 -9.75
CA PRO A 138 -35.88 -6.76 -10.12
C PRO A 138 -35.42 -5.82 -8.98
N GLY A 139 -34.59 -4.82 -9.31
CA GLY A 139 -33.99 -3.94 -8.30
C GLY A 139 -32.56 -4.34 -7.95
N GLY A 140 -32.26 -5.63 -8.05
CA GLY A 140 -30.90 -6.14 -7.90
C GLY A 140 -29.92 -5.55 -8.92
N SER A 141 -28.62 -5.82 -8.73
CA SER A 141 -27.56 -5.32 -9.62
C SER A 141 -26.62 -6.43 -10.17
N ILE A 142 -26.14 -6.22 -11.40
CA ILE A 142 -25.25 -7.19 -12.05
C ILE A 142 -23.96 -6.50 -12.41
N TYR A 143 -22.85 -7.03 -11.89
CA TYR A 143 -21.56 -6.39 -12.03
C TYR A 143 -20.79 -7.06 -13.13
N VAL A 144 -20.25 -6.25 -14.03
CA VAL A 144 -19.67 -6.75 -15.26
C VAL A 144 -18.23 -6.29 -15.38
N ASP A 145 -17.33 -7.24 -15.68
CA ASP A 145 -15.89 -6.99 -15.85
C ASP A 145 -15.29 -6.23 -14.66
N ASP A 146 -14.86 -6.99 -13.64
CA ASP A 146 -14.28 -6.42 -12.44
C ASP A 146 -15.12 -5.25 -11.88
N GLY A 147 -16.43 -5.41 -11.95
CA GLY A 147 -17.35 -4.43 -11.37
C GLY A 147 -17.29 -3.03 -11.97
N VAL A 148 -16.61 -2.88 -13.11
CA VAL A 148 -16.46 -1.56 -13.73
C VAL A 148 -17.79 -1.02 -14.27
N MET A 149 -18.58 -1.89 -14.90
CA MET A 149 -19.94 -1.54 -15.30
C MET A 149 -20.95 -2.26 -14.43
N THR A 150 -21.99 -1.55 -13.99
CA THR A 150 -23.11 -2.20 -13.31
C THR A 150 -24.46 -2.08 -14.07
N LEU A 151 -25.30 -3.09 -13.91
CA LEU A 151 -26.66 -3.07 -14.44
C LEU A 151 -27.68 -3.30 -13.33
N ARG A 152 -28.61 -2.36 -13.19
CA ARG A 152 -29.78 -2.58 -12.36
C ARG A 152 -30.82 -3.39 -13.15
N VAL A 153 -31.39 -4.40 -12.51
CA VAL A 153 -32.42 -5.21 -13.15
C VAL A 153 -33.73 -4.44 -13.13
N VAL A 154 -34.17 -3.98 -14.31
CA VAL A 154 -35.49 -3.36 -14.46
C VAL A 154 -36.62 -4.39 -14.29
N SER A 155 -36.49 -5.54 -14.93
CA SER A 155 -37.50 -6.60 -14.83
C SER A 155 -37.07 -7.96 -15.38
N LYS A 156 -37.76 -9.00 -14.90
CA LYS A 156 -37.73 -10.34 -15.48
C LYS A 156 -38.66 -10.41 -16.72
N GLU A 157 -38.08 -10.40 -17.92
CA GLU A 157 -38.84 -10.69 -19.16
C GLU A 157 -39.42 -12.10 -19.13
N ASP A 158 -38.57 -13.09 -18.86
CA ASP A 158 -39.01 -14.47 -18.67
C ASP A 158 -37.92 -15.28 -17.99
N ASP A 159 -38.03 -16.61 -18.02
CA ASP A 159 -37.13 -17.46 -17.23
C ASP A 159 -35.70 -17.43 -17.75
N ARG A 160 -35.52 -17.02 -18.99
CA ARG A 160 -34.20 -16.95 -19.62
C ARG A 160 -33.67 -15.50 -19.77
N THR A 161 -34.49 -14.51 -19.43
CA THR A 161 -34.22 -13.12 -19.87
C THR A 161 -34.51 -12.09 -18.79
N LEU A 162 -33.54 -11.19 -18.55
CA LEU A 162 -33.74 -10.01 -17.70
C LEU A 162 -33.54 -8.69 -18.47
N LYS A 163 -34.48 -7.74 -18.31
CA LYS A 163 -34.31 -6.39 -18.86
C LYS A 163 -33.57 -5.50 -17.87
N CYS A 164 -32.45 -4.93 -18.32
CA CYS A 164 -31.57 -4.23 -17.39
C CYS A 164 -31.40 -2.78 -17.77
N HIS A 165 -31.19 -1.94 -16.76
CA HIS A 165 -30.76 -0.56 -16.95
C HIS A 165 -29.26 -0.45 -16.81
N VAL A 166 -28.57 -0.06 -17.89
CA VAL A 166 -27.14 0.25 -17.82
C VAL A 166 -26.89 1.56 -17.07
N ASN A 167 -25.96 1.52 -16.11
CA ASN A 167 -25.86 2.57 -15.09
C ASN A 167 -24.71 3.52 -15.33
N ASN A 168 -23.77 3.12 -16.18
CA ASN A 168 -22.60 3.94 -16.42
C ASN A 168 -21.95 3.63 -17.74
N HIS A 169 -20.98 4.47 -18.11
CA HIS A 169 -20.28 4.36 -19.38
C HIS A 169 -19.30 3.24 -19.33
N HIS A 170 -19.41 2.32 -20.30
CA HIS A 170 -18.44 1.23 -20.45
C HIS A 170 -18.43 0.65 -21.83
N ARG A 171 -17.24 0.35 -22.33
CA ARG A 171 -17.07 -0.40 -23.58
C ARG A 171 -16.68 -1.85 -23.27
N LEU A 172 -17.52 -2.78 -23.71
CA LEU A 172 -17.47 -4.17 -23.23
C LEU A 172 -16.73 -5.09 -24.19
N THR A 173 -15.67 -5.73 -23.71
CA THR A 173 -14.96 -6.74 -24.49
C THR A 173 -15.62 -8.12 -24.30
N ASP A 174 -14.97 -9.18 -24.78
CA ASP A 174 -15.61 -10.51 -24.85
C ASP A 174 -15.33 -11.39 -23.61
N ARG A 175 -16.29 -12.27 -23.30
CA ARG A 175 -16.15 -13.24 -22.20
C ARG A 175 -15.78 -12.58 -20.89
N ARG A 176 -16.22 -11.34 -20.66
CA ARG A 176 -15.87 -10.61 -19.43
C ARG A 176 -16.52 -11.24 -18.20
N GLY A 177 -15.89 -11.06 -17.04
CA GLY A 177 -16.37 -11.61 -15.79
C GLY A 177 -17.65 -10.95 -15.27
N ILE A 178 -18.45 -11.75 -14.57
CA ILE A 178 -19.71 -11.30 -13.97
C ILE A 178 -19.70 -11.61 -12.48
N ASN A 179 -20.03 -10.63 -11.65
CA ASN A 179 -20.29 -10.89 -10.24
C ASN A 179 -21.70 -10.52 -9.83
N LEU A 180 -22.23 -11.29 -8.90
CA LEU A 180 -23.57 -11.03 -8.38
C LEU A 180 -23.55 -10.94 -6.85
N PRO A 181 -22.85 -9.92 -6.32
CA PRO A 181 -22.70 -9.87 -4.87
C PRO A 181 -24.06 -9.83 -4.18
N GLY A 182 -24.15 -10.48 -3.03
CA GLY A 182 -25.37 -10.44 -2.22
C GLY A 182 -26.51 -11.17 -2.89
N CYS A 183 -26.19 -11.91 -3.96
CA CYS A 183 -27.18 -12.76 -4.64
C CYS A 183 -27.00 -14.25 -4.31
N GLU A 184 -28.10 -14.98 -4.36
CA GLU A 184 -28.11 -16.42 -4.12
C GLU A 184 -27.53 -17.19 -5.31
N VAL A 185 -26.22 -17.39 -5.29
CA VAL A 185 -25.54 -18.14 -6.37
C VAL A 185 -25.18 -19.56 -5.90
N ASP A 186 -25.94 -20.54 -6.37
CA ASP A 186 -25.76 -21.94 -5.97
C ASP A 186 -25.07 -22.73 -7.10
N LEU A 187 -23.75 -22.52 -7.23
CA LEU A 187 -22.93 -23.25 -8.17
C LEU A 187 -21.95 -24.12 -7.38
N PRO A 188 -21.52 -25.26 -7.95
CA PRO A 188 -20.60 -26.13 -7.19
C PRO A 188 -19.22 -25.47 -7.00
N ALA A 189 -18.54 -25.79 -5.90
CA ALA A 189 -17.14 -25.43 -5.78
C ALA A 189 -16.31 -26.30 -6.74
N VAL A 190 -16.69 -27.57 -6.88
CA VAL A 190 -16.19 -28.39 -7.99
C VAL A 190 -17.24 -28.68 -9.06
N SER A 191 -17.26 -27.85 -10.10
CA SER A 191 -17.95 -28.19 -11.31
C SER A 191 -17.37 -29.46 -11.93
N GLU A 192 -18.17 -30.09 -12.78
CA GLU A 192 -17.70 -31.07 -13.73
C GLU A 192 -16.33 -30.69 -14.36
N LYS A 193 -16.25 -29.49 -14.91
CA LYS A 193 -15.00 -29.05 -15.52
C LYS A 193 -13.86 -28.94 -14.47
N ASP A 194 -14.18 -28.48 -13.25
CA ASP A 194 -13.20 -28.43 -12.15
C ASP A 194 -12.68 -29.81 -11.78
N ARG A 195 -13.60 -30.79 -11.75
CA ARG A 195 -13.22 -32.16 -11.43
C ARG A 195 -12.17 -32.76 -12.39
N LYS A 196 -12.36 -32.51 -13.68
CA LYS A 196 -11.40 -32.97 -14.68
C LYS A 196 -10.08 -32.23 -14.55
N ASP A 197 -10.16 -30.93 -14.26
CA ASP A 197 -8.96 -30.15 -14.01
C ASP A 197 -8.17 -30.66 -12.82
N LEU A 198 -8.85 -30.91 -11.71
CA LEU A 198 -8.16 -31.43 -10.53
C LEU A 198 -7.57 -32.82 -10.82
N GLU A 199 -8.28 -33.63 -11.60
CA GLU A 199 -7.77 -34.98 -11.89
C GLU A 199 -6.54 -34.86 -12.77
N PHE A 200 -6.60 -33.95 -13.72
CA PHE A 200 -5.44 -33.65 -14.54
C PHE A 200 -4.24 -33.29 -13.65
N GLY A 201 -4.50 -32.41 -12.68
CA GLY A 201 -3.48 -31.97 -11.74
C GLY A 201 -2.85 -33.10 -10.97
N VAL A 202 -3.68 -33.98 -10.44
CA VAL A 202 -3.15 -35.09 -9.72
C VAL A 202 -2.30 -35.97 -10.62
N ALA A 203 -2.81 -36.25 -11.83
CA ALA A 203 -2.06 -37.07 -12.80
C ALA A 203 -0.70 -36.45 -13.11
N GLN A 204 -0.69 -35.13 -13.33
CA GLN A 204 0.52 -34.43 -13.69
C GLN A 204 1.39 -34.04 -12.45
N GLY A 205 0.95 -34.42 -11.25
CA GLY A 205 1.72 -34.14 -10.01
C GLY A 205 1.93 -32.67 -9.61
N VAL A 206 0.87 -31.85 -9.67
CA VAL A 206 0.96 -30.46 -9.20
C VAL A 206 1.17 -30.44 -7.69
N ASP A 207 1.85 -29.40 -7.22
CA ASP A 207 2.18 -29.33 -5.80
C ASP A 207 1.05 -28.79 -4.93
N MET A 208 0.18 -27.94 -5.50
CA MET A 208 -0.87 -27.31 -4.73
C MET A 208 -2.07 -26.90 -5.61
N ILE A 209 -3.24 -26.82 -5.01
CA ILE A 209 -4.42 -26.23 -5.65
C ILE A 209 -4.69 -24.85 -5.05
N PHE A 210 -4.90 -23.86 -5.92
CA PHE A 210 -5.54 -22.60 -5.48
C PHE A 210 -7.03 -22.69 -5.82
N ALA A 211 -7.86 -22.89 -4.80
CA ALA A 211 -9.26 -23.28 -5.02
C ALA A 211 -10.15 -22.03 -5.01
N SER A 212 -10.70 -21.69 -6.18
CA SER A 212 -11.41 -20.46 -6.31
C SER A 212 -12.74 -20.48 -5.55
N PHE A 213 -13.12 -19.32 -5.00
CA PHE A 213 -14.47 -19.11 -4.44
C PHE A 213 -14.84 -20.01 -3.28
N ILE A 214 -13.87 -20.46 -2.51
CA ILE A 214 -14.20 -21.28 -1.36
C ILE A 214 -15.07 -20.51 -0.38
N ARG A 215 -16.18 -21.11 0.04
CA ARG A 215 -17.16 -20.42 0.88
C ARG A 215 -17.30 -21.06 2.25
N THR A 216 -16.98 -22.36 2.34
CA THR A 216 -17.20 -23.14 3.59
C THR A 216 -16.10 -24.21 3.73
N ALA A 217 -15.94 -24.74 4.93
CA ALA A 217 -15.01 -25.83 5.13
C ALA A 217 -15.45 -27.03 4.31
N GLU A 218 -16.78 -27.20 4.18
CA GLU A 218 -17.36 -28.28 3.38
C GLU A 218 -16.83 -28.24 1.93
N GLN A 219 -16.81 -27.06 1.33
CA GLN A 219 -16.26 -26.94 -0.01
C GLN A 219 -14.80 -27.33 -0.07
N VAL A 220 -14.02 -26.97 0.97
CA VAL A 220 -12.64 -27.42 1.01
C VAL A 220 -12.61 -28.96 0.96
N ARG A 221 -13.43 -29.61 1.80
CA ARG A 221 -13.47 -31.06 1.80
C ARG A 221 -13.92 -31.66 0.45
N GLU A 222 -14.79 -30.96 -0.27
CA GLU A 222 -15.11 -31.37 -1.63
C GLU A 222 -13.91 -31.34 -2.56
N VAL A 223 -13.08 -30.29 -2.45
CA VAL A 223 -11.90 -30.23 -3.29
C VAL A 223 -10.94 -31.33 -2.93
N ARG A 224 -10.82 -31.60 -1.64
CA ARG A 224 -9.99 -32.70 -1.17
C ARG A 224 -10.47 -34.06 -1.73
N ALA A 225 -11.79 -34.28 -1.73
CA ALA A 225 -12.36 -35.54 -2.25
C ALA A 225 -12.18 -35.69 -3.77
N ALA A 226 -12.34 -34.61 -4.53
CA ALA A 226 -12.00 -34.64 -5.97
C ALA A 226 -10.51 -34.97 -6.24
N LEU A 227 -9.65 -34.63 -5.30
CA LEU A 227 -8.24 -34.94 -5.46
C LEU A 227 -7.98 -36.44 -5.25
N GLY A 228 -8.85 -37.09 -4.48
CA GLY A 228 -8.82 -38.54 -4.35
C GLY A 228 -7.58 -39.04 -3.63
N GLU A 229 -7.36 -40.35 -3.67
CA GLU A 229 -6.34 -40.99 -2.83
C GLU A 229 -4.96 -40.58 -3.27
N LYS A 230 -4.77 -40.42 -4.57
CA LYS A 230 -3.47 -40.14 -5.07
C LYS A 230 -3.11 -38.67 -4.90
N GLY A 231 -4.13 -37.85 -4.62
CA GLY A 231 -3.90 -36.40 -4.48
C GLY A 231 -3.80 -35.90 -3.04
N LYS A 232 -3.65 -36.80 -2.07
CA LYS A 232 -3.90 -36.44 -0.67
C LYS A 232 -2.81 -35.51 -0.05
N ASP A 233 -1.61 -35.51 -0.63
CA ASP A 233 -0.51 -34.67 -0.12
C ASP A 233 -0.35 -33.35 -0.88
N ILE A 234 -1.26 -33.07 -1.80
CA ILE A 234 -1.27 -31.82 -2.53
C ILE A 234 -1.90 -30.75 -1.65
N LEU A 235 -1.26 -29.59 -1.51
CA LEU A 235 -1.78 -28.54 -0.63
C LEU A 235 -3.06 -28.00 -1.21
N ILE A 236 -4.02 -27.68 -0.36
CA ILE A 236 -5.18 -26.92 -0.80
C ILE A 236 -5.14 -25.52 -0.21
N ILE A 237 -4.89 -24.55 -1.09
CA ILE A 237 -4.90 -23.16 -0.70
C ILE A 237 -6.26 -22.56 -1.10
N SER A 238 -7.06 -22.22 -0.11
CA SER A 238 -8.41 -21.73 -0.38
C SER A 238 -8.39 -20.25 -0.70
N LYS A 239 -9.03 -19.87 -1.79
CA LYS A 239 -9.04 -18.47 -2.18
C LYS A 239 -10.28 -17.80 -1.56
N ILE A 240 -10.06 -16.76 -0.76
CA ILE A 240 -11.18 -16.02 -0.16
C ILE A 240 -11.50 -14.83 -1.03
N GLU A 241 -12.65 -14.89 -1.67
CA GLU A 241 -13.03 -13.91 -2.64
C GLU A 241 -14.51 -13.69 -2.69
N ASN A 242 -15.19 -14.02 -1.61
CA ASN A 242 -16.53 -13.50 -1.40
C ASN A 242 -16.90 -13.34 0.06
N HIS A 243 -18.08 -12.78 0.25
CA HIS A 243 -18.57 -12.40 1.55
C HIS A 243 -18.61 -13.59 2.52
N GLN A 244 -19.11 -14.73 2.05
CA GLN A 244 -19.20 -15.93 2.85
C GLN A 244 -17.84 -16.47 3.22
N GLY A 245 -16.90 -16.44 2.26
CA GLY A 245 -15.53 -16.85 2.54
C GLY A 245 -14.95 -16.08 3.73
N VAL A 246 -15.18 -14.78 3.75
CA VAL A 246 -14.70 -13.97 4.88
C VAL A 246 -15.44 -14.34 6.18
N GLN A 247 -16.78 -14.47 6.10
CA GLN A 247 -17.59 -14.90 7.27
C GLN A 247 -17.05 -16.21 7.85
N ASN A 248 -16.74 -17.17 6.99
CA ASN A 248 -16.38 -18.53 7.43
C ASN A 248 -14.89 -18.77 7.56
N ILE A 249 -14.11 -17.67 7.65
CA ILE A 249 -12.68 -17.77 7.51
C ILE A 249 -12.06 -18.75 8.55
N ASP A 250 -12.62 -18.81 9.76
CA ASP A 250 -11.98 -19.61 10.78
C ASP A 250 -12.01 -21.09 10.41
N SER A 251 -13.18 -21.57 9.97
CA SER A 251 -13.30 -23.00 9.70
C SER A 251 -12.71 -23.30 8.33
N ILE A 252 -12.73 -22.31 7.45
CA ILE A 252 -12.08 -22.50 6.17
C ILE A 252 -10.58 -22.67 6.36
N ILE A 253 -10.02 -21.86 7.24
CA ILE A 253 -8.63 -21.96 7.57
C ILE A 253 -8.34 -23.33 8.19
N GLU A 254 -9.21 -23.77 9.10
CA GLU A 254 -8.91 -25.00 9.80
C GLU A 254 -8.89 -26.17 8.81
N ALA A 255 -9.71 -26.10 7.78
CA ALA A 255 -9.82 -27.18 6.79
C ALA A 255 -8.71 -27.17 5.69
N SER A 256 -8.04 -26.04 5.51
CA SER A 256 -7.13 -25.84 4.36
C SER A 256 -5.67 -26.00 4.79
N ASN A 257 -4.77 -26.12 3.82
CA ASN A 257 -3.35 -26.03 4.13
C ASN A 257 -2.85 -24.61 4.11
N GLY A 258 -3.66 -23.72 3.53
CA GLY A 258 -3.35 -22.28 3.54
C GLY A 258 -4.45 -21.51 2.83
N ILE A 259 -4.20 -20.23 2.60
CA ILE A 259 -5.21 -19.30 2.15
C ILE A 259 -4.61 -18.32 1.12
N MET A 260 -5.45 -17.91 0.16
CA MET A 260 -5.14 -16.76 -0.66
C MET A 260 -6.16 -15.67 -0.42
N VAL A 261 -5.69 -14.47 -0.13
CA VAL A 261 -6.59 -13.31 -0.16
C VAL A 261 -6.77 -12.86 -1.60
N ALA A 262 -7.87 -13.28 -2.21
CA ALA A 262 -8.01 -13.18 -3.65
C ALA A 262 -8.70 -11.84 -3.97
N ARG A 263 -7.91 -10.76 -3.96
CA ARG A 263 -8.46 -9.43 -3.77
C ARG A 263 -9.29 -8.97 -4.98
N GLY A 264 -9.07 -9.60 -6.14
CA GLY A 264 -9.74 -9.21 -7.38
C GLY A 264 -11.25 -9.45 -7.29
N ASP A 265 -11.67 -10.72 -7.23
CA ASP A 265 -13.07 -10.99 -6.94
C ASP A 265 -13.56 -10.45 -5.60
N LEU A 266 -12.73 -10.54 -4.57
CA LEU A 266 -13.17 -10.06 -3.25
C LEU A 266 -13.65 -8.61 -3.32
N GLY A 267 -12.91 -7.77 -4.05
CA GLY A 267 -13.17 -6.32 -4.06
C GLY A 267 -14.32 -5.92 -5.00
N VAL A 268 -14.95 -6.90 -5.62
CA VAL A 268 -16.20 -6.72 -6.30
C VAL A 268 -17.33 -7.32 -5.47
N GLU A 269 -17.08 -8.46 -4.82
CA GLU A 269 -18.09 -9.11 -3.99
C GLU A 269 -18.43 -8.33 -2.72
N ILE A 270 -17.46 -7.64 -2.15
CA ILE A 270 -17.73 -6.73 -1.04
C ILE A 270 -17.25 -5.36 -1.43
N PRO A 271 -17.64 -4.32 -0.67
CA PRO A 271 -17.16 -3.00 -1.10
C PRO A 271 -15.62 -2.92 -1.07
N ALA A 272 -15.03 -2.27 -2.08
CA ALA A 272 -13.60 -2.34 -2.33
C ALA A 272 -12.79 -1.90 -1.08
N GLU A 273 -13.30 -0.89 -0.38
CA GLU A 273 -12.59 -0.29 0.75
C GLU A 273 -12.55 -1.23 1.96
N LYS A 274 -13.34 -2.30 1.92
CA LYS A 274 -13.34 -3.26 3.01
C LYS A 274 -12.31 -4.32 2.81
N VAL A 275 -11.74 -4.38 1.61
CA VAL A 275 -10.72 -5.35 1.33
C VAL A 275 -9.49 -5.20 2.25
N CYS A 276 -9.14 -3.99 2.64
CA CYS A 276 -7.96 -3.77 3.49
CA CYS A 276 -7.96 -3.81 3.48
C CYS A 276 -8.18 -4.38 4.88
N VAL A 277 -9.39 -4.26 5.38
CA VAL A 277 -9.73 -4.90 6.64
C VAL A 277 -9.70 -6.42 6.55
N ALA A 278 -10.35 -6.98 5.54
CA ALA A 278 -10.33 -8.43 5.33
C ALA A 278 -8.89 -8.94 5.26
N GLN A 279 -8.07 -8.27 4.47
CA GLN A 279 -6.69 -8.67 4.24
C GLN A 279 -5.97 -8.76 5.57
N MET A 280 -6.02 -7.69 6.35
CA MET A 280 -5.34 -7.65 7.64
C MET A 280 -5.80 -8.79 8.54
N CYS A 281 -7.11 -9.02 8.57
CA CYS A 281 -7.69 -10.02 9.44
C CYS A 281 -7.28 -11.45 8.99
N ILE A 282 -7.39 -11.72 7.70
CA ILE A 282 -7.10 -13.04 7.17
C ILE A 282 -5.63 -13.39 7.31
N ILE A 283 -4.75 -12.45 6.99
CA ILE A 283 -3.33 -12.72 7.08
C ILE A 283 -2.93 -13.05 8.50
N SER A 284 -3.41 -12.26 9.46
CA SER A 284 -3.05 -12.46 10.86
C SER A 284 -3.61 -13.78 11.38
N LYS A 285 -4.84 -14.12 10.98
CA LYS A 285 -5.42 -15.40 11.45
C LYS A 285 -4.58 -16.57 10.94
N CYS A 286 -4.05 -16.45 9.70
CA CYS A 286 -3.18 -17.50 9.17
C CYS A 286 -1.85 -17.57 9.94
N ASN A 287 -1.28 -16.40 10.26
CA ASN A 287 -0.01 -16.37 10.97
C ASN A 287 -0.18 -17.07 12.30
N VAL A 288 -1.29 -16.78 12.97
CA VAL A 288 -1.55 -17.34 14.31
C VAL A 288 -1.57 -18.88 14.33
N VAL A 289 -2.13 -19.51 13.30
CA VAL A 289 -2.11 -20.97 13.21
C VAL A 289 -0.95 -21.53 12.42
N GLY A 290 -0.07 -20.66 11.94
CA GLY A 290 1.07 -21.12 11.16
C GLY A 290 0.71 -21.80 9.86
N LYS A 291 -0.22 -21.22 9.11
CA LYS A 291 -0.46 -21.66 7.76
C LYS A 291 -0.13 -20.58 6.76
N PRO A 292 0.45 -20.98 5.62
CA PRO A 292 0.88 -20.11 4.52
C PRO A 292 -0.28 -19.23 4.05
N VAL A 293 0.03 -17.96 3.77
CA VAL A 293 -0.97 -17.09 3.27
C VAL A 293 -0.40 -16.23 2.12
N ILE A 294 -1.18 -16.14 1.04
CA ILE A 294 -0.76 -15.39 -0.18
C ILE A 294 -1.66 -14.19 -0.37
N CYS A 295 -1.04 -13.02 -0.54
CA CYS A 295 -1.76 -11.85 -0.96
C CYS A 295 -1.73 -11.71 -2.51
N ALA A 296 -2.89 -11.52 -3.13
CA ALA A 296 -3.01 -11.56 -4.59
C ALA A 296 -3.73 -10.34 -5.19
N THR A 297 -3.29 -9.97 -6.39
CA THR A 297 -4.11 -9.33 -7.43
C THR A 297 -3.92 -7.80 -7.47
N GLN A 298 -3.50 -7.32 -8.63
CA GLN A 298 -3.25 -5.90 -8.86
C GLN A 298 -2.16 -5.28 -7.98
N MET A 299 -1.23 -6.08 -7.48
CA MET A 299 -0.15 -5.54 -6.64
C MET A 299 0.78 -4.59 -7.37
N LEU A 300 1.11 -4.92 -8.61
CA LEU A 300 2.02 -4.11 -9.43
C LEU A 300 1.37 -3.88 -10.80
N GLU A 301 0.06 -3.65 -10.78
CA GLU A 301 -0.77 -3.77 -11.95
C GLU A 301 -0.22 -2.96 -13.12
N SER A 302 0.05 -1.68 -12.87
CA SER A 302 0.52 -0.79 -13.94
C SER A 302 1.75 -1.32 -14.69
N MET A 303 2.56 -2.18 -14.05
CA MET A 303 3.76 -2.71 -14.70
C MET A 303 3.43 -3.74 -15.77
N THR A 304 2.13 -3.99 -15.96
CA THR A 304 1.67 -4.73 -17.12
C THR A 304 2.08 -4.04 -18.41
N SER A 305 2.15 -2.71 -18.37
CA SER A 305 2.45 -1.90 -19.55
CA SER A 305 2.48 -1.94 -19.55
C SER A 305 3.53 -0.84 -19.32
N ASN A 306 3.88 -0.59 -18.06
CA ASN A 306 4.96 0.40 -17.76
C ASN A 306 6.20 -0.29 -17.19
N PRO A 307 7.38 0.33 -17.38
CA PRO A 307 8.62 -0.25 -16.82
C PRO A 307 8.80 -0.03 -15.31
N ARG A 308 7.96 0.84 -14.71
CA ARG A 308 8.07 1.23 -13.28
CA ARG A 308 8.06 1.13 -13.29
C ARG A 308 6.69 1.16 -12.64
N PRO A 309 6.61 0.81 -11.35
CA PRO A 309 5.27 0.73 -10.75
C PRO A 309 4.86 2.07 -10.18
N THR A 310 3.59 2.22 -9.81
CA THR A 310 3.17 3.44 -9.10
C THR A 310 3.57 3.45 -7.62
N ARG A 311 3.49 4.62 -7.00
CA ARG A 311 3.80 4.74 -5.58
C ARG A 311 2.82 3.91 -4.74
N ALA A 312 1.56 3.80 -5.19
CA ALA A 312 0.59 2.96 -4.49
C ALA A 312 0.95 1.47 -4.57
N GLU A 313 1.56 1.08 -5.68
CA GLU A 313 1.77 -0.33 -5.93
C GLU A 313 2.96 -0.82 -5.11
N VAL A 314 3.96 0.04 -4.98
CA VAL A 314 5.10 -0.30 -4.16
C VAL A 314 4.66 -0.44 -2.69
N SER A 315 3.96 0.56 -2.19
CA SER A 315 3.31 0.52 -0.92
C SER A 315 2.48 -0.78 -0.69
N ASP A 316 1.70 -1.17 -1.68
CA ASP A 316 0.85 -2.34 -1.54
C ASP A 316 1.64 -3.61 -1.25
N VAL A 317 2.71 -3.81 -2.02
CA VAL A 317 3.63 -4.93 -1.80
C VAL A 317 4.32 -4.86 -0.43
N ALA A 318 4.82 -3.70 -0.09
CA ALA A 318 5.52 -3.54 1.17
C ALA A 318 4.61 -3.84 2.35
N ASN A 319 3.35 -3.41 2.26
CA ASN A 319 2.44 -3.57 3.37
C ASN A 319 1.85 -4.98 3.54
N ALA A 320 1.81 -5.74 2.45
CA ALA A 320 1.35 -7.13 2.50
C ALA A 320 2.38 -7.94 3.27
N VAL A 321 3.65 -7.59 3.03
CA VAL A 321 4.73 -8.16 3.77
C VAL A 321 4.69 -7.78 5.24
N LEU A 322 4.53 -6.47 5.50
CA LEU A 322 4.42 -6.00 6.91
C LEU A 322 3.20 -6.53 7.60
N ASN A 323 2.12 -6.78 6.82
CA ASN A 323 0.90 -7.42 7.36
C ASN A 323 1.18 -8.82 7.91
N GLY A 324 2.17 -9.51 7.34
CA GLY A 324 2.54 -10.90 7.73
C GLY A 324 2.42 -11.95 6.60
N ALA A 325 2.10 -11.50 5.38
CA ALA A 325 1.91 -12.48 4.31
C ALA A 325 3.22 -13.25 4.00
N ASP A 326 3.11 -14.58 3.86
CA ASP A 326 4.23 -15.39 3.37
C ASP A 326 4.62 -14.98 1.91
N CYS A 327 3.60 -14.84 1.07
CA CYS A 327 3.80 -14.68 -0.36
C CYS A 327 3.05 -13.49 -0.87
N VAL A 328 3.56 -12.95 -1.97
CA VAL A 328 2.81 -12.02 -2.75
C VAL A 328 2.75 -12.55 -4.16
N MET A 329 1.69 -12.18 -4.88
CA MET A 329 1.39 -12.78 -6.16
C MET A 329 1.31 -11.78 -7.34
N LEU A 330 1.59 -12.28 -8.53
CA LEU A 330 1.45 -11.51 -9.77
C LEU A 330 0.53 -12.28 -10.70
N SER A 331 -0.36 -11.56 -11.37
CA SER A 331 -1.27 -12.18 -12.30
C SER A 331 -1.00 -11.75 -13.74
N GLY A 332 -1.78 -10.80 -14.25
CA GLY A 332 -1.55 -10.26 -15.59
C GLY A 332 -0.14 -9.70 -15.78
N GLU A 333 0.42 -9.15 -14.70
CA GLU A 333 1.77 -8.58 -14.73
C GLU A 333 2.81 -9.52 -15.38
N THR A 334 2.73 -10.82 -15.07
CA THR A 334 3.65 -11.80 -15.66
C THR A 334 3.00 -12.68 -16.75
N ALA A 335 1.71 -12.94 -16.63
CA ALA A 335 1.00 -13.74 -17.63
C ALA A 335 1.06 -13.09 -19.02
N LYS A 336 0.80 -11.79 -19.08
CA LYS A 336 0.57 -11.15 -20.35
C LYS A 336 1.24 -9.75 -20.47
N GLY A 337 2.01 -9.33 -19.46
CA GLY A 337 2.64 -8.00 -19.46
C GLY A 337 3.90 -7.86 -20.31
N LYS A 338 4.33 -6.63 -20.54
CA LYS A 338 5.54 -6.41 -21.33
C LYS A 338 6.85 -6.49 -20.53
N TYR A 339 6.77 -6.45 -19.20
CA TYR A 339 7.99 -6.44 -18.38
C TYR A 339 7.95 -7.48 -17.27
N PRO A 340 7.78 -8.75 -17.65
CA PRO A 340 7.60 -9.79 -16.65
C PRO A 340 8.80 -9.94 -15.73
N ASN A 341 10.00 -9.86 -16.28
CA ASN A 341 11.18 -10.05 -15.45
C ASN A 341 11.36 -8.89 -14.49
N GLU A 342 11.09 -7.70 -14.98
CA GLU A 342 11.33 -6.50 -14.19
C GLU A 342 10.31 -6.39 -13.05
N VAL A 343 9.07 -6.78 -13.32
CA VAL A 343 8.04 -6.68 -12.33
C VAL A 343 8.31 -7.65 -11.20
N VAL A 344 8.88 -8.81 -11.52
CA VAL A 344 9.27 -9.74 -10.48
C VAL A 344 10.46 -9.21 -9.67
N GLN A 345 11.35 -8.49 -10.34
CA GLN A 345 12.54 -7.96 -9.70
C GLN A 345 12.21 -6.82 -8.73
N TYR A 346 11.32 -5.91 -9.17
CA TYR A 346 10.77 -4.90 -8.30
C TYR A 346 10.10 -5.55 -7.09
N MET A 347 9.29 -6.59 -7.31
CA MET A 347 8.56 -7.18 -6.22
C MET A 347 9.58 -7.72 -5.19
N ALA A 348 10.65 -8.35 -5.70
CA ALA A 348 11.67 -8.93 -4.82
C ALA A 348 12.35 -7.84 -3.99
N ARG A 349 12.71 -6.73 -4.63
CA ARG A 349 13.37 -5.64 -3.94
C ARG A 349 12.46 -5.01 -2.90
N ILE A 350 11.18 -4.90 -3.22
CA ILE A 350 10.25 -4.31 -2.29
C ILE A 350 10.07 -5.22 -1.07
N CYS A 351 9.88 -6.53 -1.30
CA CYS A 351 9.86 -7.53 -0.24
C CYS A 351 11.03 -7.39 0.75
N VAL A 352 12.26 -7.32 0.23
CA VAL A 352 13.45 -7.26 1.06
C VAL A 352 13.47 -5.96 1.90
N GLU A 353 13.05 -4.87 1.27
CA GLU A 353 12.92 -3.58 1.95
C GLU A 353 11.92 -3.65 3.14
N ALA A 354 10.72 -4.16 2.89
CA ALA A 354 9.73 -4.31 3.96
C ALA A 354 10.25 -5.25 5.06
N GLN A 355 10.88 -6.36 4.62
CA GLN A 355 11.48 -7.30 5.56
C GLN A 355 12.52 -6.64 6.45
N SER A 356 13.38 -5.82 5.85
CA SER A 356 14.39 -5.07 6.61
C SER A 356 13.80 -3.99 7.54
N ALA A 357 12.60 -3.50 7.19
CA ALA A 357 11.90 -2.51 8.01
C ALA A 357 11.09 -3.16 9.16
N THR A 358 11.06 -4.48 9.19
CA THR A 358 10.24 -5.21 10.18
C THR A 358 10.98 -5.29 11.53
N HIS A 359 10.31 -4.96 12.63
CA HIS A 359 10.89 -5.21 13.96
C HIS A 359 11.15 -6.70 14.17
N ASP A 360 12.39 -7.03 14.48
CA ASP A 360 12.82 -8.44 14.66
C ASP A 360 11.76 -9.36 15.29
N THR A 361 11.30 -8.99 16.49
CA THR A 361 10.80 -9.97 17.43
C THR A 361 9.35 -9.72 17.78
N VAL A 362 8.76 -8.68 17.21
CA VAL A 362 7.38 -8.34 17.50
C VAL A 362 6.45 -9.47 17.07
N MET A 363 6.62 -9.96 15.83
CA MET A 363 5.85 -11.11 15.35
C MET A 363 6.06 -12.37 16.21
N PHE A 364 7.31 -12.70 16.50
CA PHE A 364 7.60 -13.87 17.34
C PHE A 364 6.80 -13.82 18.64
N ASN A 365 6.97 -12.73 19.39
CA ASN A 365 6.20 -12.57 20.64
C ASN A 365 4.68 -12.56 20.50
N SER A 366 4.16 -11.88 19.48
CA SER A 366 2.69 -11.76 19.35
C SER A 366 2.08 -13.11 19.07
N ILE A 367 2.76 -13.86 18.21
CA ILE A 367 2.28 -15.17 17.78
C ILE A 367 2.38 -16.17 18.95
N LYS A 368 3.51 -16.14 19.64
CA LYS A 368 3.73 -17.02 20.76
C LYS A 368 2.75 -16.75 21.88
N ASN A 369 2.47 -15.49 22.15
CA ASN A 369 1.55 -15.14 23.23
C ASN A 369 0.11 -15.63 22.99
N LEU A 370 -0.20 -16.04 21.77
CA LEU A 370 -1.57 -16.46 21.46
C LEU A 370 -1.73 -17.98 21.42
N GLN A 371 -0.65 -18.72 21.61
CA GLN A 371 -0.72 -20.17 21.53
C GLN A 371 -1.19 -20.81 22.83
N LYS A 372 -2.08 -21.80 22.74
CA LYS A 372 -2.52 -22.39 23.98
CA LYS A 372 -2.60 -22.61 23.89
C LYS A 372 -1.43 -23.26 24.64
N ILE A 373 -1.33 -23.09 25.96
CA ILE A 373 -0.33 -23.83 26.75
C ILE A 373 -1.11 -24.92 27.46
N PRO A 374 -0.58 -26.17 27.51
CA PRO A 374 0.74 -26.61 27.08
C PRO A 374 0.79 -26.81 25.56
N MET A 375 1.94 -26.52 24.94
CA MET A 375 2.17 -26.84 23.53
C MET A 375 2.51 -28.31 23.38
N CYS A 376 2.39 -28.85 22.17
CA CYS A 376 3.07 -30.09 21.82
CA CYS A 376 3.08 -30.10 21.92
C CYS A 376 4.59 -29.88 21.87
N PRO A 377 5.34 -30.92 22.19
CA PRO A 377 6.78 -30.83 22.31
C PRO A 377 7.44 -30.22 21.07
N GLU A 378 6.96 -30.58 19.88
CA GLU A 378 7.66 -30.11 18.67
C GLU A 378 7.46 -28.59 18.49
N GLU A 379 6.33 -28.10 18.97
CA GLU A 379 6.11 -26.69 18.87
C GLU A 379 6.89 -25.93 19.94
N ALA A 380 7.08 -26.54 21.12
CA ALA A 380 7.88 -25.92 22.18
C ALA A 380 9.30 -25.86 21.68
N VAL A 381 9.70 -26.91 20.96
CA VAL A 381 11.04 -27.00 20.43
C VAL A 381 11.27 -25.97 19.32
N CYS A 382 10.36 -25.90 18.37
CA CYS A 382 10.51 -24.98 17.25
C CYS A 382 10.45 -23.53 17.68
N SER A 383 9.51 -23.18 18.56
CA SER A 383 9.43 -21.79 19.00
C SER A 383 10.65 -21.40 19.84
N SER A 384 11.13 -22.28 20.73
CA SER A 384 12.31 -21.92 21.51
CA SER A 384 12.31 -21.94 21.53
C SER A 384 13.58 -21.96 20.68
N ALA A 385 13.56 -22.71 19.58
CA ALA A 385 14.70 -22.67 18.63
C ALA A 385 14.77 -21.30 17.96
N VAL A 386 13.62 -20.77 17.55
CA VAL A 386 13.62 -19.41 17.03
C VAL A 386 14.09 -18.37 18.06
N ALA A 387 13.65 -18.51 19.31
CA ALA A 387 14.09 -17.60 20.35
C ALA A 387 15.64 -17.67 20.52
N SER A 388 16.24 -18.86 20.48
CA SER A 388 17.70 -18.95 20.62
CA SER A 388 17.71 -18.98 20.60
C SER A 388 18.41 -18.38 19.40
N ALA A 389 17.79 -18.52 18.23
CA ALA A 389 18.33 -17.85 17.05
C ALA A 389 18.42 -16.35 17.27
N PHE A 390 17.37 -15.76 17.80
CA PHE A 390 17.46 -14.35 18.16
C PHE A 390 18.56 -14.08 19.16
N GLU A 391 18.66 -14.93 20.21
CA GLU A 391 19.56 -14.62 21.32
CA GLU A 391 19.56 -14.68 21.34
C GLU A 391 21.01 -14.67 20.88
N VAL A 392 21.34 -15.54 19.92
CA VAL A 392 22.73 -15.63 19.46
C VAL A 392 22.95 -14.88 18.17
N GLN A 393 21.88 -14.29 17.61
CA GLN A 393 22.00 -13.62 16.31
C GLN A 393 22.41 -14.62 15.23
N ALA A 394 21.77 -15.76 15.22
CA ALA A 394 22.09 -16.80 14.28
C ALA A 394 21.83 -16.30 12.87
N LYS A 395 22.72 -16.66 11.95
CA LYS A 395 22.61 -16.26 10.56
C LYS A 395 21.78 -17.25 9.75
N ALA A 396 21.54 -18.42 10.32
CA ALA A 396 20.63 -19.37 9.70
C ALA A 396 20.07 -20.35 10.75
N MET A 397 18.94 -20.94 10.45
CA MET A 397 18.52 -22.13 11.12
C MET A 397 18.50 -23.28 10.13
N LEU A 398 18.55 -24.50 10.65
CA LEU A 398 18.59 -25.70 9.84
C LEU A 398 17.62 -26.69 10.48
N VAL A 399 16.63 -27.12 9.71
CA VAL A 399 15.69 -28.10 10.20
C VAL A 399 15.60 -29.27 9.24
N LEU A 400 15.54 -30.48 9.79
CA LEU A 400 15.13 -31.66 9.01
C LEU A 400 13.63 -31.78 8.98
N SER A 401 13.07 -31.82 7.78
CA SER A 401 11.62 -32.02 7.66
C SER A 401 11.32 -32.85 6.43
N ASN A 402 10.53 -33.89 6.62
CA ASN A 402 10.15 -34.72 5.48
C ASN A 402 8.81 -34.31 4.89
N THR A 403 7.85 -33.99 5.76
CA THR A 403 6.51 -33.59 5.30
C THR A 403 6.47 -32.09 5.08
N GLY A 404 7.37 -31.36 5.73
CA GLY A 404 7.34 -29.90 5.66
C GLY A 404 6.75 -29.31 6.92
N ARG A 405 6.09 -30.13 7.73
CA ARG A 405 5.48 -29.66 8.98
C ARG A 405 6.44 -28.85 9.88
N SER A 406 7.62 -29.40 10.15
CA SER A 406 8.56 -28.78 11.08
C SER A 406 9.13 -27.48 10.49
N ALA A 407 9.33 -27.43 9.17
CA ALA A 407 9.76 -26.18 8.52
C ALA A 407 8.71 -25.10 8.65
N ARG A 408 7.43 -25.48 8.50
CA ARG A 408 6.36 -24.52 8.62
C ARG A 408 6.17 -24.09 10.08
N LEU A 409 6.51 -24.98 11.02
CA LEU A 409 6.38 -24.68 12.45
C LEU A 409 7.45 -23.72 12.89
N ILE A 410 8.62 -23.80 12.28
CA ILE A 410 9.65 -22.82 12.58
C ILE A 410 9.28 -21.47 11.99
N SER A 411 8.83 -21.52 10.75
CA SER A 411 8.49 -20.28 10.02
C SER A 411 7.31 -19.55 10.64
N LYS A 412 6.43 -20.30 11.30
CA LYS A 412 5.35 -19.70 12.08
C LYS A 412 5.85 -18.66 13.13
N TYR A 413 7.01 -18.91 13.72
CA TYR A 413 7.56 -17.98 14.73
C TYR A 413 8.44 -16.88 14.11
N ARG A 414 8.45 -16.78 12.78
CA ARG A 414 9.03 -15.60 12.07
C ARG A 414 10.45 -15.24 12.53
N PRO A 415 11.41 -16.17 12.43
CA PRO A 415 12.79 -15.74 12.61
C PRO A 415 13.21 -14.70 11.56
N ASN A 416 14.37 -14.05 11.78
CA ASN A 416 14.84 -13.02 10.85
C ASN A 416 15.96 -13.54 9.93
N CYS A 417 16.22 -14.83 9.97
CA CYS A 417 17.30 -15.44 9.18
C CYS A 417 16.64 -16.55 8.31
N PRO A 418 17.41 -17.11 7.38
CA PRO A 418 16.81 -18.16 6.55
C PRO A 418 16.58 -19.39 7.35
N ILE A 419 15.63 -20.22 6.90
CA ILE A 419 15.43 -21.53 7.46
C ILE A 419 15.79 -22.56 6.41
N ILE A 420 16.95 -23.18 6.58
CA ILE A 420 17.38 -24.21 5.67
C ILE A 420 16.72 -25.52 6.07
N CYS A 421 15.94 -26.06 5.14
CA CYS A 421 15.23 -27.28 5.37
C CYS A 421 15.83 -28.41 4.50
N VAL A 422 16.38 -29.42 5.16
CA VAL A 422 16.78 -30.63 4.50
C VAL A 422 15.65 -31.64 4.51
N THR A 423 15.13 -31.95 3.33
CA THR A 423 13.97 -32.80 3.21
C THR A 423 14.26 -34.03 2.36
N THR A 424 13.51 -35.11 2.60
CA THR A 424 13.69 -36.34 1.86
C THR A 424 12.68 -36.46 0.70
N ARG A 425 11.89 -35.40 0.48
CA ARG A 425 10.85 -35.42 -0.53
C ARG A 425 10.93 -34.20 -1.41
N LEU A 426 11.07 -34.44 -2.70
CA LEU A 426 11.15 -33.35 -3.65
C LEU A 426 9.89 -32.50 -3.60
N GLN A 427 8.76 -33.12 -3.32
CA GLN A 427 7.51 -32.40 -3.34
C GLN A 427 7.43 -31.47 -2.14
N THR A 428 7.98 -31.91 -1.02
CA THR A 428 8.17 -31.01 0.12
C THR A 428 9.00 -29.77 -0.27
N CYS A 429 10.14 -29.97 -0.96
CA CYS A 429 10.92 -28.82 -1.47
C CYS A 429 10.03 -27.83 -2.20
N ARG A 430 9.17 -28.32 -3.08
CA ARG A 430 8.38 -27.44 -3.93
C ARG A 430 7.25 -26.74 -3.15
N GLN A 431 6.63 -27.48 -2.22
CA GLN A 431 5.52 -26.98 -1.40
C GLN A 431 5.97 -25.96 -0.37
N LEU A 432 7.21 -26.07 0.09
CA LEU A 432 7.72 -25.11 1.06
C LEU A 432 8.05 -23.74 0.43
N ASN A 433 7.94 -23.65 -0.91
CA ASN A 433 8.00 -22.33 -1.59
C ASN A 433 6.93 -21.34 -1.17
N VAL A 434 5.85 -21.81 -0.53
CA VAL A 434 4.86 -20.83 -0.07
C VAL A 434 5.05 -20.41 1.40
N THR A 435 6.14 -20.89 1.99
CA THR A 435 6.41 -20.61 3.39
C THR A 435 7.58 -19.60 3.58
N ARG A 436 7.28 -18.50 4.26
CA ARG A 436 8.28 -17.45 4.47
C ARG A 436 9.59 -18.02 4.99
N SER A 437 10.73 -17.56 4.43
CA SER A 437 12.10 -17.80 4.99
C SER A 437 12.74 -19.13 4.53
N VAL A 438 11.92 -20.11 4.17
CA VAL A 438 12.44 -21.45 4.02
C VAL A 438 13.21 -21.63 2.71
N VAL A 439 14.40 -22.26 2.80
CA VAL A 439 15.17 -22.65 1.63
C VAL A 439 15.44 -24.16 1.69
N SER A 440 15.05 -24.88 0.64
CA SER A 440 15.02 -26.35 0.68
C SER A 440 16.27 -27.01 0.06
N VAL A 441 16.75 -28.07 0.71
CA VAL A 441 17.76 -28.95 0.13
C VAL A 441 17.23 -30.37 0.13
N PHE A 442 17.37 -31.06 -0.98
CA PHE A 442 16.85 -32.41 -1.11
C PHE A 442 17.89 -33.46 -0.72
N TYR A 443 17.53 -34.33 0.22
CA TYR A 443 18.38 -35.47 0.53
C TYR A 443 17.70 -36.74 0.01
N ASP A 444 18.37 -37.39 -0.93
CA ASP A 444 17.82 -38.59 -1.54
C ASP A 444 18.14 -39.80 -0.68
N ALA A 445 17.24 -40.19 0.23
CA ALA A 445 17.55 -41.32 1.14
C ALA A 445 17.72 -42.67 0.44
N ALA A 446 17.06 -42.85 -0.70
CA ALA A 446 17.19 -44.10 -1.45
C ALA A 446 18.61 -44.22 -2.01
N LYS A 447 19.14 -43.11 -2.55
CA LYS A 447 20.50 -43.08 -3.08
C LYS A 447 21.58 -43.01 -2.03
N SER A 448 21.31 -42.32 -0.90
CA SER A 448 22.38 -42.01 0.05
C SER A 448 22.32 -42.76 1.36
N GLY A 449 21.20 -43.42 1.64
CA GLY A 449 21.05 -44.19 2.86
C GLY A 449 20.12 -43.55 3.89
N GLU A 450 19.88 -44.29 4.96
CA GLU A 450 18.81 -44.00 5.88
C GLU A 450 19.05 -42.72 6.75
N ASP A 451 20.29 -42.49 7.16
CA ASP A 451 20.64 -41.32 7.99
C ASP A 451 19.92 -41.24 9.35
N LYS A 452 19.88 -42.35 10.06
CA LYS A 452 19.26 -42.40 11.38
C LYS A 452 19.85 -41.40 12.36
N ASP A 453 21.17 -41.25 12.37
CA ASP A 453 21.79 -40.34 13.32
C ASP A 453 21.83 -38.89 12.79
N LYS A 454 21.19 -38.65 11.63
CA LYS A 454 21.00 -37.29 11.08
C LYS A 454 22.24 -36.64 10.49
N GLU A 455 23.39 -37.27 10.64
CA GLU A 455 24.64 -36.58 10.31
C GLU A 455 24.79 -36.27 8.81
N LYS A 456 24.27 -37.13 7.95
CA LYS A 456 24.36 -36.80 6.54
C LYS A 456 23.53 -35.58 6.16
N ARG A 457 22.29 -35.52 6.66
CA ARG A 457 21.43 -34.40 6.31
C ARG A 457 21.91 -33.10 6.95
N VAL A 458 22.48 -33.19 8.14
CA VAL A 458 22.94 -31.98 8.79
C VAL A 458 24.11 -31.43 8.03
N LYS A 459 25.00 -32.31 7.61
CA LYS A 459 26.17 -31.86 6.88
C LYS A 459 25.78 -31.21 5.53
N LEU A 460 24.89 -31.89 4.82
CA LEU A 460 24.32 -31.36 3.60
C LEU A 460 23.77 -29.96 3.84
N GLY A 461 23.18 -29.75 5.01
CA GLY A 461 22.57 -28.44 5.33
C GLY A 461 23.60 -27.41 5.71
N LEU A 462 24.61 -27.82 6.48
CA LEU A 462 25.68 -26.89 6.86
C LEU A 462 26.52 -26.51 5.64
N ASP A 463 26.78 -27.46 4.76
CA ASP A 463 27.49 -27.16 3.51
C ASP A 463 26.71 -26.20 2.62
N PHE A 464 25.41 -26.46 2.46
CA PHE A 464 24.53 -25.49 1.80
C PHE A 464 24.58 -24.10 2.42
N ALA A 465 24.54 -24.02 3.75
CA ALA A 465 24.62 -22.71 4.38
C ALA A 465 25.88 -21.97 3.95
N LYS A 466 26.98 -22.70 3.80
CA LYS A 466 28.28 -22.11 3.47
C LYS A 466 28.31 -21.65 1.99
N LYS A 467 27.84 -22.54 1.13
CA LYS A 467 27.84 -22.32 -0.32
C LYS A 467 26.95 -21.15 -0.75
N GLU A 468 25.73 -21.09 -0.23
CA GLU A 468 24.82 -20.00 -0.54
C GLU A 468 25.11 -18.75 0.27
N LYS A 469 26.19 -18.76 1.04
CA LYS A 469 26.66 -17.58 1.75
C LYS A 469 25.69 -17.10 2.82
N TYR A 470 24.96 -18.03 3.46
CA TYR A 470 24.16 -17.68 4.63
C TYR A 470 25.03 -17.51 5.87
N ALA A 471 26.03 -18.37 6.01
CA ALA A 471 26.95 -18.28 7.13
C ALA A 471 28.34 -18.78 6.74
N SER A 472 29.36 -18.44 7.53
CA SER A 472 30.69 -19.00 7.30
C SER A 472 31.26 -19.65 8.56
N THR A 473 32.40 -20.32 8.40
CA THR A 473 33.14 -20.90 9.51
C THR A 473 33.11 -20.02 10.74
N GLY A 474 32.79 -20.59 11.89
CA GLY A 474 32.74 -19.79 13.09
C GLY A 474 31.36 -19.23 13.43
N ASP A 475 30.43 -19.21 12.46
CA ASP A 475 29.07 -18.72 12.74
C ASP A 475 28.26 -19.80 13.44
N VAL A 476 27.45 -19.38 14.41
CA VAL A 476 26.54 -20.31 15.06
C VAL A 476 25.30 -20.52 14.22
N VAL A 477 24.86 -21.77 14.14
CA VAL A 477 23.64 -22.14 13.44
C VAL A 477 22.73 -22.92 14.40
N VAL A 478 21.42 -22.67 14.32
CA VAL A 478 20.47 -23.34 15.20
C VAL A 478 19.83 -24.51 14.43
N VAL A 479 20.02 -25.73 14.95
CA VAL A 479 19.77 -26.98 14.20
C VAL A 479 18.71 -27.81 14.95
N VAL A 480 17.61 -28.11 14.24
CA VAL A 480 16.42 -28.69 14.85
C VAL A 480 16.12 -30.01 14.15
N HIS A 481 16.16 -31.10 14.92
CA HIS A 481 15.68 -32.41 14.42
C HIS A 481 15.42 -33.32 15.61
N ALA A 482 15.28 -34.63 15.39
CA ALA A 482 15.12 -35.53 16.55
C ALA A 482 16.44 -36.01 17.07
N ASP A 483 16.48 -36.33 18.34
CA ASP A 483 17.58 -37.10 18.86
C ASP A 483 17.59 -38.52 18.26
N HIS A 484 18.49 -39.37 18.71
CA HIS A 484 18.64 -40.68 18.10
C HIS A 484 17.47 -41.64 18.24
N SER A 485 16.49 -41.33 19.10
CA SER A 485 15.38 -42.30 19.33
C SER A 485 14.05 -41.87 18.76
N VAL A 486 13.71 -40.60 18.94
CA VAL A 486 12.36 -40.12 18.71
C VAL A 486 12.01 -40.10 17.23
N LYS A 487 10.82 -40.62 16.89
CA LYS A 487 10.37 -40.62 15.51
C LYS A 487 9.08 -39.85 15.38
N GLY A 488 8.97 -39.07 14.31
CA GLY A 488 7.70 -38.47 13.96
C GLY A 488 7.72 -36.95 14.11
N TYR A 489 8.69 -36.44 14.85
CA TYR A 489 8.77 -34.98 15.06
C TYR A 489 10.13 -34.61 15.59
N PRO A 490 10.45 -33.32 15.59
CA PRO A 490 11.75 -32.97 16.17
C PRO A 490 11.61 -32.74 17.67
N ASN A 491 12.51 -33.32 18.46
CA ASN A 491 12.45 -33.09 19.95
C ASN A 491 13.71 -32.41 20.49
N GLN A 492 14.56 -31.91 19.58
CA GLN A 492 15.93 -31.52 19.91
C GLN A 492 16.34 -30.22 19.19
N THR A 493 17.08 -29.38 19.89
CA THR A 493 17.71 -28.22 19.28
C THR A 493 19.15 -28.23 19.68
N ARG A 494 20.01 -27.85 18.73
CA ARG A 494 21.43 -27.70 18.98
C ARG A 494 21.90 -26.36 18.41
N LEU A 495 22.83 -25.71 19.10
CA LEU A 495 23.61 -24.65 18.52
C LEU A 495 24.96 -25.19 18.11
N ILE A 496 25.35 -24.90 16.87
CA ILE A 496 26.46 -25.53 16.24
C ILE A 496 27.27 -24.45 15.52
N TYR A 497 28.58 -24.42 15.76
CA TYR A 497 29.47 -23.56 15.01
C TYR A 497 29.78 -24.22 13.71
N LEU A 498 29.65 -23.45 12.63
CA LEU A 498 30.01 -23.92 11.31
C LEU A 498 31.49 -24.30 11.25
N PRO A 499 31.79 -25.54 10.78
CA PRO A 499 33.17 -26.05 10.80
C PRO A 499 34.08 -25.32 9.81
N SER B 2 -1.58 -6.62 21.20
CA SER B 2 -0.70 -6.60 20.02
C SER B 2 -1.48 -6.23 18.75
N GLN B 3 -0.77 -5.71 17.77
CA GLN B 3 -1.32 -5.52 16.45
C GLN B 3 -1.96 -6.79 15.92
N LEU B 4 -1.27 -7.92 16.10
CA LEU B 4 -1.74 -9.22 15.58
C LEU B 4 -3.08 -9.62 16.21
N GLU B 5 -3.18 -9.47 17.52
CA GLU B 5 -4.41 -9.79 18.19
C GLU B 5 -5.55 -8.83 17.77
N HIS B 6 -5.20 -7.57 17.54
CA HIS B 6 -6.18 -6.62 17.10
C HIS B 6 -6.72 -7.00 15.74
N ASN B 7 -5.83 -7.45 14.86
CA ASN B 7 -6.26 -7.90 13.51
C ASN B 7 -7.21 -9.06 13.50
N ILE B 8 -6.90 -10.10 14.27
CA ILE B 8 -7.70 -11.29 14.19
C ILE B 8 -9.13 -11.03 14.69
N GLY B 9 -9.35 -9.93 15.40
CA GLY B 9 -10.67 -9.59 15.88
C GLY B 9 -11.39 -8.55 15.02
N LEU B 10 -10.76 -8.05 13.96
CA LEU B 10 -11.43 -7.12 13.05
C LEU B 10 -12.68 -7.78 12.42
N SER B 11 -13.75 -7.01 12.20
CA SER B 11 -14.92 -7.48 11.37
C SER B 11 -15.24 -6.55 10.21
N ILE B 12 -15.32 -7.07 8.99
CA ILE B 12 -15.83 -6.29 7.84
C ILE B 12 -17.32 -5.93 7.93
N PHE B 13 -18.06 -6.59 8.82
CA PHE B 13 -19.52 -6.43 8.89
C PHE B 13 -20.02 -5.31 9.80
N GLU B 14 -19.27 -4.98 10.85
CA GLU B 14 -19.72 -3.97 11.82
C GLU B 14 -19.87 -2.63 11.14
N PRO B 15 -20.69 -1.75 11.72
CA PRO B 15 -20.79 -0.35 11.26
C PRO B 15 -19.44 0.37 11.39
N VAL B 16 -19.11 1.23 10.42
CA VAL B 16 -17.89 2.02 10.47
C VAL B 16 -18.13 3.35 11.18
N ALA B 17 -17.06 4.00 11.61
CA ALA B 17 -17.16 5.34 12.21
C ALA B 17 -18.08 6.26 11.41
N LYS B 18 -18.88 7.06 12.11
CA LYS B 18 -19.72 8.07 11.43
C LYS B 18 -18.95 9.32 11.07
N HIS B 19 -17.87 9.61 11.78
CA HIS B 19 -17.22 10.87 11.54
C HIS B 19 -15.81 10.70 11.08
N ARG B 20 -15.55 11.06 9.84
CA ARG B 20 -14.25 10.83 9.23
C ARG B 20 -13.20 11.73 9.90
N ALA B 21 -12.14 11.13 10.39
CA ALA B 21 -11.11 11.87 11.10
C ALA B 21 -10.05 12.46 10.16
N ASN B 22 -9.64 11.69 9.14
CA ASN B 22 -8.56 12.14 8.24
C ASN B 22 -9.09 13.11 7.19
N ARG B 23 -8.16 13.83 6.58
CA ARG B 23 -8.52 14.93 5.71
C ARG B 23 -7.95 14.75 4.29
N ILE B 24 -8.65 15.32 3.31
CA ILE B 24 -8.35 15.11 1.92
C ILE B 24 -7.94 16.45 1.23
N VAL B 25 -6.73 16.45 0.65
CA VAL B 25 -6.25 17.57 -0.14
C VAL B 25 -6.45 17.23 -1.63
N CYS B 26 -7.12 18.13 -2.38
CA CYS B 26 -7.36 17.94 -3.84
C CYS B 26 -6.72 19.02 -4.67
N THR B 27 -6.03 18.59 -5.71
CA THR B 27 -5.43 19.50 -6.65
C THR B 27 -6.45 19.93 -7.67
N ILE B 28 -6.56 21.24 -7.86
CA ILE B 28 -7.54 21.82 -8.76
C ILE B 28 -6.94 21.96 -10.16
N GLY B 29 -7.75 21.66 -11.15
CA GLY B 29 -7.38 21.76 -12.57
C GLY B 29 -8.64 21.86 -13.41
N PRO B 30 -8.53 21.59 -14.72
CA PRO B 30 -9.67 21.88 -15.61
C PRO B 30 -10.88 20.97 -15.35
N SER B 31 -10.64 19.77 -14.82
CA SER B 31 -11.74 18.91 -14.39
C SER B 31 -12.56 19.53 -13.24
N THR B 32 -11.95 20.44 -12.47
CA THR B 32 -12.48 20.81 -11.14
C THR B 32 -12.48 22.32 -10.79
N GLN B 33 -12.14 23.19 -11.72
CA GLN B 33 -11.97 24.62 -11.38
C GLN B 33 -13.27 25.39 -11.26
N SER B 34 -14.34 24.89 -11.85
CA SER B 34 -15.57 25.65 -11.86
C SER B 34 -16.18 25.67 -10.46
N VAL B 35 -16.94 26.72 -10.16
CA VAL B 35 -17.60 26.81 -8.88
C VAL B 35 -18.45 25.58 -8.62
N GLU B 36 -19.14 25.11 -9.66
CA GLU B 36 -20.00 23.95 -9.52
C GLU B 36 -19.16 22.74 -9.16
N ALA B 37 -18.10 22.52 -9.93
CA ALA B 37 -17.23 21.39 -9.72
C ALA B 37 -16.63 21.40 -8.30
N LEU B 38 -16.22 22.58 -7.84
CA LEU B 38 -15.63 22.71 -6.54
C LEU B 38 -16.65 22.45 -5.42
N LYS B 39 -17.89 22.89 -5.62
CA LYS B 39 -18.96 22.56 -4.67
C LYS B 39 -19.04 21.05 -4.51
N ASN B 40 -19.18 20.36 -5.64
CA ASN B 40 -19.21 18.91 -5.59
C ASN B 40 -17.97 18.27 -4.97
N LEU B 41 -16.78 18.82 -5.22
CA LEU B 41 -15.56 18.34 -4.56
C LEU B 41 -15.67 18.49 -3.05
N MET B 42 -16.19 19.62 -2.62
CA MET B 42 -16.41 19.89 -1.21
C MET B 42 -17.43 18.93 -0.59
N LYS B 43 -18.55 18.71 -1.27
CA LYS B 43 -19.53 17.76 -0.79
C LYS B 43 -18.95 16.35 -0.75
N SER B 44 -18.11 16.02 -1.73
CA SER B 44 -17.48 14.68 -1.77
C SER B 44 -16.43 14.44 -0.65
N GLY B 45 -15.85 15.53 -0.13
CA GLY B 45 -14.91 15.42 1.00
C GLY B 45 -13.64 16.26 0.96
N MET B 46 -13.46 17.13 -0.05
CA MET B 46 -12.25 17.98 -0.11
C MET B 46 -12.23 18.93 1.08
N SER B 47 -11.11 18.96 1.81
CA SER B 47 -10.94 19.97 2.89
C SER B 47 -9.99 21.10 2.49
N VAL B 48 -9.01 20.77 1.65
CA VAL B 48 -8.00 21.73 1.21
C VAL B 48 -7.87 21.65 -0.29
N ALA B 49 -7.99 22.81 -0.93
CA ALA B 49 -7.79 22.92 -2.37
C ALA B 49 -6.32 23.27 -2.67
N ARG B 50 -5.66 22.45 -3.48
CA ARG B 50 -4.23 22.68 -3.78
C ARG B 50 -4.05 23.24 -5.17
N MET B 51 -3.31 24.35 -5.25
CA MET B 51 -2.96 24.96 -6.52
C MET B 51 -1.52 24.62 -6.83
N ASN B 52 -1.31 23.98 -7.98
CA ASN B 52 0.00 23.55 -8.36
C ASN B 52 0.66 24.59 -9.26
N PHE B 53 1.53 25.39 -8.68
CA PHE B 53 2.06 26.54 -9.39
C PHE B 53 3.21 26.13 -10.30
N SER B 54 3.41 24.83 -10.44
CA SER B 54 4.25 24.32 -11.51
C SER B 54 3.73 24.69 -12.88
N HIS B 55 2.41 24.79 -13.00
CA HIS B 55 1.77 25.15 -14.26
C HIS B 55 0.85 26.27 -14.01
N GLY B 56 0.61 27.08 -15.05
CA GLY B 56 -0.52 28.00 -15.05
C GLY B 56 -0.16 29.36 -14.50
N SER B 57 -0.86 30.38 -14.99
CA SER B 57 -0.51 31.75 -14.65
C SER B 57 -1.23 32.18 -13.37
N HIS B 58 -0.82 33.33 -12.84
CA HIS B 58 -1.53 33.94 -11.73
C HIS B 58 -2.98 34.17 -12.02
N GLU B 59 -3.31 34.37 -13.28
CA GLU B 59 -4.69 34.57 -13.67
C GLU B 59 -5.50 33.28 -13.51
N TYR B 60 -4.92 32.17 -13.97
CA TYR B 60 -5.54 30.85 -13.81
C TYR B 60 -5.80 30.54 -12.33
N HIS B 61 -4.79 30.79 -11.52
CA HIS B 61 -4.89 30.49 -10.11
C HIS B 61 -5.77 31.43 -9.34
N GLN B 62 -5.86 32.68 -9.81
CA GLN B 62 -6.78 33.66 -9.18
C GLN B 62 -8.21 33.13 -9.34
N THR B 63 -8.49 32.56 -10.49
CA THR B 63 -9.78 31.98 -10.76
C THR B 63 -10.05 30.82 -9.80
N THR B 64 -9.04 30.00 -9.53
CA THR B 64 -9.21 28.93 -8.54
C THR B 64 -9.52 29.48 -7.14
N ILE B 65 -8.74 30.45 -6.73
CA ILE B 65 -8.98 31.14 -5.47
C ILE B 65 -10.41 31.69 -5.34
N ASN B 66 -10.85 32.43 -6.35
CA ASN B 66 -12.15 33.08 -6.30
C ASN B 66 -13.26 32.02 -6.26
N ASN B 67 -13.13 31.01 -7.11
CA ASN B 67 -14.14 29.97 -7.19
C ASN B 67 -14.21 29.12 -5.93
N VAL B 68 -13.06 28.85 -5.32
CA VAL B 68 -13.01 28.08 -4.10
C VAL B 68 -13.76 28.84 -3.01
N ARG B 69 -13.44 30.12 -2.88
CA ARG B 69 -14.14 30.97 -1.91
C ARG B 69 -15.64 31.07 -2.13
N ALA B 70 -16.05 31.18 -3.38
CA ALA B 70 -17.49 31.29 -3.69
C ALA B 70 -18.23 29.97 -3.41
N ALA B 71 -17.66 28.86 -3.83
CA ALA B 71 -18.23 27.55 -3.56
C ALA B 71 -18.30 27.26 -2.06
N ALA B 72 -17.26 27.66 -1.33
CA ALA B 72 -17.21 27.41 0.11
C ALA B 72 -18.26 28.29 0.83
N ALA B 73 -18.32 29.57 0.44
CA ALA B 73 -19.35 30.49 0.97
C ALA B 73 -20.73 29.94 0.73
N GLU B 74 -21.00 29.48 -0.49
CA GLU B 74 -22.31 28.94 -0.80
C GLU B 74 -22.69 27.82 0.15
N LEU B 75 -21.71 26.97 0.50
CA LEU B 75 -22.00 25.76 1.30
C LEU B 75 -21.78 26.03 2.77
N GLY B 76 -21.22 27.18 3.08
CA GLY B 76 -20.93 27.51 4.46
C GLY B 76 -19.83 26.64 5.05
N LEU B 77 -18.87 26.23 4.22
CA LEU B 77 -17.67 25.54 4.68
C LEU B 77 -16.45 26.46 4.77
N HIS B 78 -15.48 26.09 5.61
CA HIS B 78 -14.12 26.70 5.62
C HIS B 78 -13.13 25.81 4.92
N ILE B 79 -12.73 26.21 3.71
CA ILE B 79 -11.87 25.39 2.90
C ILE B 79 -10.50 26.00 2.84
N GLY B 80 -9.49 25.22 3.19
CA GLY B 80 -8.13 25.71 3.12
C GLY B 80 -7.67 25.91 1.67
N ILE B 81 -6.80 26.89 1.46
CA ILE B 81 -6.20 27.05 0.15
C ILE B 81 -4.68 27.01 0.25
N ALA B 82 -4.08 26.12 -0.55
CA ALA B 82 -2.66 25.80 -0.45
C ALA B 82 -2.00 26.14 -1.78
N LEU B 83 -0.84 26.79 -1.72
CA LEU B 83 -0.09 27.15 -2.92
C LEU B 83 1.14 26.29 -2.96
N ASP B 84 1.25 25.47 -4.00
CA ASP B 84 2.29 24.46 -4.06
C ASP B 84 3.29 24.92 -5.10
N THR B 85 4.50 25.24 -4.65
CA THR B 85 5.47 25.93 -5.49
C THR B 85 6.05 25.05 -6.60
N LYS B 86 6.41 25.66 -7.72
CA LYS B 86 7.23 24.99 -8.73
C LYS B 86 8.56 24.53 -8.14
N GLY B 87 9.24 25.42 -7.43
CA GLY B 87 10.47 25.06 -6.77
C GLY B 87 11.64 25.07 -7.73
N PRO B 88 12.85 24.89 -7.22
CA PRO B 88 14.02 24.90 -8.07
C PRO B 88 14.08 23.62 -8.86
N GLU B 89 14.66 23.66 -10.05
CA GLU B 89 14.92 22.45 -10.82
C GLU B 89 16.25 22.44 -11.56
N ILE B 90 16.81 21.25 -11.76
CA ILE B 90 17.82 21.05 -12.78
C ILE B 90 17.19 20.54 -14.07
N ARG B 91 17.62 21.10 -15.20
CA ARG B 91 17.17 20.59 -16.48
CA ARG B 91 17.12 20.70 -16.52
C ARG B 91 18.29 20.52 -17.49
N THR B 92 18.11 19.71 -18.53
CA THR B 92 19.01 19.69 -19.65
C THR B 92 18.92 21.01 -20.44
N GLY B 93 19.86 21.23 -21.34
CA GLY B 93 19.70 22.24 -22.38
C GLY B 93 18.72 21.81 -23.47
N LEU B 94 18.83 22.46 -24.62
CA LEU B 94 18.02 22.11 -25.77
C LEU B 94 18.79 21.17 -26.68
N PHE B 95 18.10 20.59 -27.66
CA PHE B 95 18.71 19.70 -28.61
C PHE B 95 18.59 20.23 -30.03
N LYS B 96 19.58 19.95 -30.86
CA LYS B 96 19.43 20.19 -32.31
C LYS B 96 18.19 19.47 -32.83
N ASP B 97 17.42 20.15 -33.67
CA ASP B 97 16.18 19.56 -34.21
C ASP B 97 15.18 19.26 -33.11
N GLY B 98 15.49 19.67 -31.89
CA GLY B 98 14.51 19.64 -30.81
C GLY B 98 14.29 18.25 -30.22
N GLU B 99 15.10 17.28 -30.63
CA GLU B 99 15.03 15.92 -30.05
C GLU B 99 16.27 15.11 -30.40
N VAL B 100 16.47 14.03 -29.66
CA VAL B 100 17.57 13.10 -29.88
C VAL B 100 17.19 11.77 -29.25
N SER B 101 17.63 10.68 -29.83
CA SER B 101 17.31 9.35 -29.33
C SER B 101 18.58 8.64 -28.93
N PHE B 102 18.53 7.93 -27.81
CA PHE B 102 19.69 7.22 -27.30
C PHE B 102 19.43 5.72 -27.19
N ALA B 103 20.51 4.96 -27.28
CA ALA B 103 20.43 3.52 -27.17
C ALA B 103 21.31 3.11 -26.03
N PRO B 104 20.99 1.99 -25.39
CA PRO B 104 21.86 1.43 -24.36
C PRO B 104 23.28 1.29 -24.90
N GLY B 105 24.26 1.61 -24.06
CA GLY B 105 25.65 1.55 -24.46
C GLY B 105 26.18 2.84 -25.09
N ASP B 106 25.30 3.68 -25.62
CA ASP B 106 25.68 5.00 -26.17
C ASP B 106 26.52 5.74 -25.14
N ILE B 107 27.66 6.27 -25.58
CA ILE B 107 28.47 7.11 -24.70
C ILE B 107 28.20 8.59 -24.98
N VAL B 108 27.84 9.34 -23.95
CA VAL B 108 27.46 10.75 -24.13
C VAL B 108 28.17 11.63 -23.09
N CYS B 109 28.76 12.74 -23.56
CA CYS B 109 29.33 13.73 -22.65
C CYS B 109 28.24 14.70 -22.18
N VAL B 110 28.20 14.97 -20.88
CA VAL B 110 27.28 15.97 -20.37
C VAL B 110 28.09 17.05 -19.72
N THR B 111 27.72 18.29 -19.99
CA THR B 111 28.57 19.42 -19.68
C THR B 111 27.78 20.49 -18.96
N THR B 112 28.44 21.20 -18.07
CA THR B 112 27.86 22.39 -17.47
C THR B 112 28.36 23.66 -18.16
N ASP B 113 29.09 23.51 -19.26
CA ASP B 113 29.50 24.68 -20.05
C ASP B 113 28.29 25.26 -20.84
N PRO B 114 27.82 26.44 -20.44
CA PRO B 114 26.57 26.97 -21.01
C PRO B 114 26.71 27.34 -22.48
N ALA B 115 27.94 27.29 -23.01
CA ALA B 115 28.13 27.30 -24.45
C ALA B 115 27.21 26.28 -25.17
N TYR B 116 27.02 25.11 -24.55
CA TYR B 116 26.39 23.99 -25.25
C TYR B 116 24.88 23.96 -25.01
N GLU B 117 24.39 24.97 -24.31
CA GLU B 117 23.02 25.00 -23.89
C GLU B 117 21.97 24.69 -24.99
N LYS B 118 22.22 25.15 -26.21
CA LYS B 118 21.17 25.16 -27.24
C LYS B 118 21.48 24.22 -28.40
N VAL B 119 22.56 23.46 -28.26
CA VAL B 119 23.08 22.64 -29.37
C VAL B 119 23.31 21.20 -28.90
N GLY B 120 22.44 20.73 -28.00
CA GLY B 120 22.49 19.36 -27.54
C GLY B 120 22.47 18.38 -28.69
N THR B 121 23.38 17.41 -28.64
CA THR B 121 23.37 16.29 -29.60
C THR B 121 23.44 14.95 -28.86
N LYS B 122 23.43 13.86 -29.61
CA LYS B 122 23.72 12.51 -29.09
C LYS B 122 25.09 12.42 -28.43
N GLU B 123 25.98 13.33 -28.78
CA GLU B 123 27.38 13.23 -28.37
C GLU B 123 27.56 13.93 -27.05
N LYS B 124 26.80 15.00 -26.86
CA LYS B 124 27.13 15.95 -25.83
C LYS B 124 25.98 16.91 -25.63
N PHE B 125 25.58 17.10 -24.39
CA PHE B 125 24.55 18.07 -24.12
C PHE B 125 24.70 18.70 -22.77
N TYR B 126 23.91 19.75 -22.55
CA TYR B 126 24.10 20.64 -21.43
C TYR B 126 23.13 20.30 -20.28
N ILE B 127 23.64 20.40 -19.04
CA ILE B 127 22.79 20.38 -17.84
C ILE B 127 23.11 21.63 -17.02
N ASP B 128 22.06 22.33 -16.57
CA ASP B 128 22.20 23.71 -16.10
C ASP B 128 22.55 23.79 -14.61
N TYR B 129 23.30 22.82 -14.12
CA TYR B 129 23.67 22.79 -12.72
C TYR B 129 25.18 22.87 -12.59
N PRO B 130 25.70 24.05 -12.24
CA PRO B 130 27.13 24.31 -12.39
C PRO B 130 27.97 23.37 -11.57
N GLN B 131 27.43 22.84 -10.48
CA GLN B 131 28.23 22.04 -9.55
C GLN B 131 28.22 20.57 -9.90
N LEU B 132 27.73 20.26 -11.10
CA LEU B 132 27.49 18.87 -11.47
C LEU B 132 28.68 17.93 -11.21
N THR B 133 29.88 18.33 -11.61
CA THR B 133 31.05 17.45 -11.58
C THR B 133 31.65 17.30 -10.18
N ASN B 134 31.17 18.09 -9.22
CA ASN B 134 31.43 17.78 -7.80
C ASN B 134 30.34 16.95 -7.17
N ALA B 135 29.14 17.05 -7.71
CA ALA B 135 27.96 16.47 -7.07
C ALA B 135 27.81 14.95 -7.36
N VAL B 136 28.12 14.54 -8.59
CA VAL B 136 28.13 13.11 -8.94
C VAL B 136 29.50 12.60 -9.41
N ARG B 137 29.89 11.44 -8.91
CA ARG B 137 31.21 10.91 -9.14
C ARG B 137 31.13 9.72 -10.09
N PRO B 138 32.26 9.30 -10.65
CA PRO B 138 32.24 8.10 -11.50
C PRO B 138 31.52 6.93 -10.82
N GLY B 139 30.61 6.29 -11.54
CA GLY B 139 29.88 5.16 -10.99
C GLY B 139 28.52 5.57 -10.46
N GLY B 140 28.36 6.86 -10.18
CA GLY B 140 27.06 7.41 -9.80
C GLY B 140 26.13 7.54 -11.00
N SER B 141 24.89 7.95 -10.75
CA SER B 141 23.89 8.03 -11.81
C SER B 141 23.36 9.44 -12.02
N ILE B 142 22.93 9.71 -13.24
CA ILE B 142 22.16 10.89 -13.53
C ILE B 142 20.85 10.39 -14.15
N TYR B 143 19.74 10.86 -13.64
CA TYR B 143 18.45 10.46 -14.15
C TYR B 143 17.96 11.59 -14.96
N VAL B 144 17.39 11.29 -16.11
CA VAL B 144 16.83 12.30 -16.99
C VAL B 144 15.37 11.97 -17.23
N ASP B 145 14.52 12.98 -17.14
CA ASP B 145 13.13 12.86 -17.58
C ASP B 145 12.32 12.00 -16.60
N ASP B 146 12.36 12.37 -15.32
CA ASP B 146 11.61 11.64 -14.28
C ASP B 146 12.13 10.26 -14.05
N GLY B 147 13.44 10.08 -14.27
CA GLY B 147 14.09 8.82 -14.01
C GLY B 147 13.95 7.84 -15.15
N VAL B 148 13.24 8.22 -16.21
CA VAL B 148 12.93 7.29 -17.30
C VAL B 148 14.16 6.88 -18.11
N MET B 149 15.08 7.82 -18.32
CA MET B 149 16.40 7.46 -18.87
C MET B 149 17.41 7.63 -17.77
N THR B 150 18.34 6.69 -17.67
CA THR B 150 19.35 6.78 -16.66
C THR B 150 20.75 6.67 -17.24
N LEU B 151 21.66 7.49 -16.74
CA LEU B 151 23.05 7.47 -17.21
C LEU B 151 23.97 7.08 -16.06
N ARG B 152 25.01 6.32 -16.38
CA ARG B 152 26.07 6.04 -15.43
C ARG B 152 27.25 6.95 -15.74
N VAL B 153 27.75 7.64 -14.74
CA VAL B 153 28.95 8.44 -14.90
C VAL B 153 30.22 7.56 -15.00
N VAL B 154 30.81 7.51 -16.18
CA VAL B 154 32.04 6.75 -16.40
C VAL B 154 33.27 7.52 -15.89
N SER B 155 33.42 8.78 -16.30
CA SER B 155 34.60 9.55 -15.92
C SER B 155 34.37 11.06 -15.97
N LYS B 156 35.11 11.80 -15.16
CA LYS B 156 35.13 13.26 -15.28
C LYS B 156 36.23 13.67 -16.24
N GLU B 157 35.87 14.30 -17.35
CA GLU B 157 36.84 14.66 -18.40
C GLU B 157 37.60 15.96 -18.11
N ASP B 158 36.87 16.96 -17.63
CA ASP B 158 37.46 18.19 -17.12
C ASP B 158 36.50 18.73 -16.07
N ASP B 159 36.77 19.90 -15.52
CA ASP B 159 35.98 20.35 -14.38
C ASP B 159 34.55 20.73 -14.76
N ARG B 160 34.22 20.60 -16.04
CA ARG B 160 32.87 20.93 -16.50
C ARG B 160 32.17 19.82 -17.34
N THR B 161 32.79 18.65 -17.46
CA THR B 161 32.30 17.62 -18.37
C THR B 161 32.39 16.22 -17.78
N LEU B 162 31.33 15.45 -17.95
CA LEU B 162 31.30 14.05 -17.53
C LEU B 162 31.00 13.15 -18.72
N LYS B 163 31.84 12.13 -18.93
CA LYS B 163 31.55 11.11 -19.92
CA LYS B 163 31.58 11.09 -19.91
C LYS B 163 30.63 10.07 -19.30
N CYS B 164 29.53 9.78 -19.99
CA CYS B 164 28.46 8.95 -19.40
C CYS B 164 28.07 7.80 -20.29
N HIS B 165 27.48 6.78 -19.67
CA HIS B 165 27.00 5.65 -20.37
C HIS B 165 25.50 5.64 -20.33
N VAL B 166 24.87 5.61 -21.49
CA VAL B 166 23.40 5.47 -21.55
C VAL B 166 22.90 4.04 -21.23
N ASN B 167 21.91 3.94 -20.34
CA ASN B 167 21.45 2.64 -19.82
C ASN B 167 20.22 2.06 -20.48
N ASN B 168 19.42 2.90 -21.11
CA ASN B 168 18.21 2.42 -21.76
C ASN B 168 17.82 3.26 -22.96
N HIS B 169 16.91 2.73 -23.78
CA HIS B 169 16.39 3.46 -24.92
C HIS B 169 15.60 4.64 -24.42
N HIS B 170 15.85 5.81 -25.01
CA HIS B 170 15.01 6.95 -24.74
C HIS B 170 15.21 8.05 -25.75
N ARG B 171 14.19 8.86 -25.88
CA ARG B 171 14.19 9.98 -26.79
C ARG B 171 14.06 11.24 -25.94
N LEU B 172 15.05 12.13 -26.03
CA LEU B 172 15.00 13.35 -25.25
C LEU B 172 14.46 14.46 -26.10
N THR B 173 13.63 15.31 -25.52
CA THR B 173 13.36 16.63 -26.12
C THR B 173 13.92 17.75 -25.27
N ASP B 174 13.69 18.99 -25.71
CA ASP B 174 14.30 20.15 -25.09
C ASP B 174 14.00 20.24 -23.57
N ARG B 175 15.02 20.52 -22.77
CA ARG B 175 14.82 20.95 -21.38
C ARG B 175 14.05 19.95 -20.53
N ARG B 176 14.46 18.69 -20.55
CA ARG B 176 13.91 17.68 -19.65
C ARG B 176 14.45 17.85 -18.25
N GLY B 177 13.70 17.32 -17.27
CA GLY B 177 14.11 17.37 -15.88
C GLY B 177 15.27 16.42 -15.59
N ILE B 178 16.13 16.83 -14.65
CA ILE B 178 17.29 16.06 -14.25
C ILE B 178 17.20 15.78 -12.72
N ASN B 179 17.45 14.54 -12.32
CA ASN B 179 17.65 14.22 -10.91
C ASN B 179 19.02 13.64 -10.68
N LEU B 180 19.65 14.03 -9.58
CA LEU B 180 20.93 13.48 -9.19
C LEU B 180 20.74 12.64 -7.93
N PRO B 181 20.29 11.39 -8.11
CA PRO B 181 19.79 10.64 -6.94
C PRO B 181 20.92 10.41 -5.94
N GLY B 182 20.69 10.74 -4.68
CA GLY B 182 21.69 10.51 -3.65
C GLY B 182 22.75 11.61 -3.54
N CYS B 183 22.63 12.64 -4.37
CA CYS B 183 23.63 13.72 -4.39
C CYS B 183 23.09 14.96 -3.73
N GLU B 184 23.92 15.60 -2.93
CA GLU B 184 23.59 16.91 -2.40
C GLU B 184 23.50 17.93 -3.52
N VAL B 185 22.46 18.73 -3.48
CA VAL B 185 22.13 19.62 -4.57
C VAL B 185 21.98 21.00 -3.95
N ASP B 186 22.86 21.91 -4.36
CA ASP B 186 22.93 23.24 -3.74
C ASP B 186 22.28 24.30 -4.65
N LEU B 187 21.03 24.60 -4.36
CA LEU B 187 20.19 25.45 -5.18
C LEU B 187 19.37 26.25 -4.20
N PRO B 188 18.97 27.46 -4.58
CA PRO B 188 18.20 28.31 -3.67
C PRO B 188 16.85 27.67 -3.33
N ALA B 189 16.36 27.91 -2.12
CA ALA B 189 15.06 27.38 -1.72
C ALA B 189 13.98 28.07 -2.54
N VAL B 190 14.20 29.34 -2.82
CA VAL B 190 13.23 30.08 -3.61
C VAL B 190 13.85 30.64 -4.89
N SER B 191 13.37 30.14 -6.01
CA SER B 191 13.70 30.70 -7.30
C SER B 191 13.08 32.10 -7.45
N GLU B 192 13.42 32.79 -8.53
CA GLU B 192 12.77 34.07 -8.83
C GLU B 192 11.27 33.94 -9.15
N LYS B 193 10.90 32.88 -9.88
CA LYS B 193 9.50 32.56 -10.08
C LYS B 193 8.78 32.37 -8.74
N ASP B 194 9.40 31.63 -7.83
CA ASP B 194 8.77 31.29 -6.56
C ASP B 194 8.45 32.56 -5.76
N ARG B 195 9.34 33.54 -5.80
CA ARG B 195 9.13 34.82 -5.13
C ARG B 195 7.88 35.49 -5.59
N LYS B 196 7.76 35.63 -6.90
CA LYS B 196 6.55 36.20 -7.49
C LYS B 196 5.33 35.39 -7.06
N ASP B 197 5.49 34.07 -7.03
CA ASP B 197 4.38 33.17 -6.67
C ASP B 197 4.02 33.29 -5.18
N LEU B 198 5.03 33.44 -4.33
CA LEU B 198 4.80 33.61 -2.90
C LEU B 198 4.20 34.97 -2.61
N GLU B 199 4.68 35.98 -3.32
CA GLU B 199 4.11 37.33 -3.17
C GLU B 199 2.61 37.35 -3.55
N PHE B 200 2.24 36.69 -4.64
CA PHE B 200 0.84 36.54 -5.04
C PHE B 200 0.03 35.87 -3.91
N GLY B 201 0.49 34.71 -3.48
CA GLY B 201 -0.18 33.97 -2.41
C GLY B 201 -0.40 34.81 -1.17
N VAL B 202 0.61 35.55 -0.76
CA VAL B 202 0.47 36.40 0.42
C VAL B 202 -0.61 37.46 0.18
N ALA B 203 -0.60 38.06 -1.03
CA ALA B 203 -1.56 39.10 -1.34
C ALA B 203 -2.98 38.54 -1.45
N GLN B 204 -3.14 37.31 -1.96
CA GLN B 204 -4.49 36.72 -2.09
C GLN B 204 -4.95 35.98 -0.85
N GLY B 205 -4.11 35.97 0.17
CA GLY B 205 -4.47 35.36 1.45
C GLY B 205 -4.55 33.83 1.48
N VAL B 206 -3.60 33.14 0.84
CA VAL B 206 -3.55 31.66 0.94
C VAL B 206 -3.24 31.24 2.36
N ASP B 207 -3.69 30.04 2.72
CA ASP B 207 -3.59 29.57 4.08
C ASP B 207 -2.29 28.84 4.37
N MET B 208 -1.66 28.32 3.32
CA MET B 208 -0.47 27.51 3.49
C MET B 208 0.32 27.39 2.19
N ILE B 209 1.60 27.23 2.33
CA ILE B 209 2.46 26.95 1.21
C ILE B 209 2.86 25.48 1.27
N PHE B 210 2.75 24.77 0.16
CA PHE B 210 3.48 23.51 -0.01
C PHE B 210 4.80 23.74 -0.72
N ALA B 211 5.88 23.78 0.06
CA ALA B 211 7.15 24.23 -0.43
C ALA B 211 7.92 23.09 -1.05
N SER B 212 8.15 23.18 -2.37
CA SER B 212 8.77 22.07 -3.10
C SER B 212 10.24 21.87 -2.75
N PHE B 213 10.67 20.63 -2.77
CA PHE B 213 12.10 20.28 -2.75
C PHE B 213 12.90 20.87 -1.59
N ILE B 214 12.34 20.80 -0.40
CA ILE B 214 13.05 21.23 0.79
C ILE B 214 14.14 20.24 1.20
N ARG B 215 15.36 20.75 1.33
CA ARG B 215 16.53 19.89 1.59
C ARG B 215 17.12 20.12 2.99
N THR B 216 16.88 21.30 3.55
CA THR B 216 17.53 21.71 4.80
C THR B 216 16.55 22.59 5.56
N ALA B 217 16.74 22.70 6.87
CA ALA B 217 15.98 23.68 7.65
C ALA B 217 16.24 25.14 7.19
N GLU B 218 17.48 25.45 6.84
CA GLU B 218 17.80 26.78 6.33
C GLU B 218 16.83 27.18 5.23
N GLN B 219 16.56 26.26 4.30
CA GLN B 219 15.65 26.54 3.20
C GLN B 219 14.22 26.80 3.65
N VAL B 220 13.79 26.11 4.69
CA VAL B 220 12.49 26.44 5.27
C VAL B 220 12.48 27.90 5.72
N ARG B 221 13.56 28.30 6.40
CA ARG B 221 13.67 29.69 6.89
C ARG B 221 13.74 30.75 5.76
N GLU B 222 14.30 30.38 4.64
CA GLU B 222 14.32 31.29 3.49
C GLU B 222 12.95 31.41 2.91
N VAL B 223 12.19 30.32 2.92
CA VAL B 223 10.81 30.42 2.48
C VAL B 223 10.01 31.27 3.46
N ARG B 224 10.25 31.10 4.75
CA ARG B 224 9.56 31.95 5.71
C ARG B 224 9.95 33.42 5.56
N ALA B 225 11.23 33.68 5.29
CA ALA B 225 11.70 35.05 5.07
C ALA B 225 11.01 35.66 3.87
N ALA B 226 10.92 34.93 2.78
CA ALA B 226 10.27 35.43 1.56
C ALA B 226 8.78 35.75 1.76
N LEU B 227 8.13 35.03 2.67
CA LEU B 227 6.74 35.31 2.96
C LEU B 227 6.61 36.62 3.71
N GLY B 228 7.69 37.02 4.41
CA GLY B 228 7.75 38.34 5.05
C GLY B 228 6.85 38.50 6.27
N GLU B 229 6.73 39.74 6.72
CA GLU B 229 5.84 40.09 7.82
C GLU B 229 4.38 39.75 7.52
N LYS B 230 3.93 40.14 6.33
CA LYS B 230 2.53 39.95 5.95
C LYS B 230 2.12 38.49 5.81
N GLY B 231 3.10 37.60 5.63
CA GLY B 231 2.83 36.18 5.43
C GLY B 231 3.20 35.34 6.64
N LYS B 232 3.46 36.00 7.77
CA LYS B 232 4.04 35.33 8.94
C LYS B 232 3.09 34.27 9.56
N ASP B 233 1.82 34.30 9.19
CA ASP B 233 0.84 33.38 9.75
C ASP B 233 0.45 32.24 8.81
N ILE B 234 1.01 32.28 7.61
CA ILE B 234 0.75 31.25 6.64
C ILE B 234 1.58 30.01 6.96
N LEU B 235 0.94 28.84 6.95
CA LEU B 235 1.65 27.60 7.30
C LEU B 235 2.67 27.32 6.22
N ILE B 236 3.86 26.85 6.61
CA ILE B 236 4.77 26.24 5.65
C ILE B 236 4.81 24.73 5.80
N ILE B 237 4.36 24.05 4.75
CA ILE B 237 4.36 22.60 4.74
C ILE B 237 5.48 22.20 3.80
N SER B 238 6.55 21.63 4.33
CA SER B 238 7.72 21.32 3.55
C SER B 238 7.54 20.00 2.79
N LYS B 239 7.87 20.00 1.49
CA LYS B 239 7.79 18.78 0.67
C LYS B 239 9.11 18.03 0.68
N ILE B 240 9.10 16.82 1.27
CA ILE B 240 10.29 15.97 1.28
C ILE B 240 10.35 15.16 -0.01
N GLU B 241 11.30 15.50 -0.87
CA GLU B 241 11.32 14.99 -2.24
C GLU B 241 12.65 14.34 -2.63
N ASN B 242 13.63 14.33 -1.74
CA ASN B 242 14.91 13.71 -2.07
C ASN B 242 15.66 13.26 -0.83
N HIS B 243 16.84 12.68 -1.01
CA HIS B 243 17.52 12.03 0.10
C HIS B 243 17.94 13.02 1.19
N GLN B 244 18.27 14.27 0.80
CA GLN B 244 18.63 15.29 1.79
C GLN B 244 17.49 15.60 2.73
N GLY B 245 16.31 15.80 2.15
CA GLY B 245 15.12 16.03 2.94
C GLY B 245 14.89 14.94 3.97
N VAL B 246 15.05 13.68 3.56
CA VAL B 246 14.91 12.54 4.47
C VAL B 246 16.01 12.56 5.53
N GLN B 247 17.23 12.88 5.10
CA GLN B 247 18.36 12.89 6.00
C GLN B 247 18.19 13.97 7.08
N ASN B 248 17.66 15.11 6.67
CA ASN B 248 17.62 16.30 7.51
C ASN B 248 16.26 16.49 8.19
N ILE B 249 15.46 15.43 8.20
CA ILE B 249 14.03 15.51 8.47
C ILE B 249 13.77 16.14 9.86
N ASP B 250 14.61 15.79 10.85
CA ASP B 250 14.38 16.31 12.22
C ASP B 250 14.36 17.83 12.26
N SER B 251 15.40 18.45 11.69
CA SER B 251 15.48 19.91 11.69
C SER B 251 14.53 20.55 10.71
N ILE B 252 14.18 19.84 9.64
CA ILE B 252 13.15 20.30 8.75
C ILE B 252 11.76 20.31 9.41
N ILE B 253 11.45 19.26 10.18
CA ILE B 253 10.20 19.27 10.94
C ILE B 253 10.20 20.42 11.96
N GLU B 254 11.31 20.57 12.68
CA GLU B 254 11.49 21.64 13.68
CA GLU B 254 11.41 21.60 13.68
C GLU B 254 11.08 22.98 13.11
N ALA B 255 11.54 23.24 11.88
CA ALA B 255 11.43 24.56 11.27
C ALA B 255 10.12 24.75 10.50
N SER B 256 9.43 23.67 10.20
CA SER B 256 8.21 23.77 9.37
C SER B 256 6.99 23.82 10.26
N ASN B 257 5.83 24.10 9.68
CA ASN B 257 4.56 23.87 10.35
C ASN B 257 4.01 22.46 10.09
N GLY B 258 4.59 21.76 9.14
CA GLY B 258 3.99 20.55 8.58
C GLY B 258 4.86 19.96 7.49
N ILE B 259 4.57 18.71 7.14
CA ILE B 259 5.40 17.97 6.16
C ILE B 259 4.47 17.34 5.13
N MET B 260 4.93 17.29 3.89
CA MET B 260 4.32 16.43 2.86
C MET B 260 5.34 15.44 2.39
N VAL B 261 4.96 14.16 2.43
CA VAL B 261 5.78 13.09 1.89
C VAL B 261 5.50 13.06 0.42
N ALA B 262 6.30 13.80 -0.33
CA ALA B 262 6.02 14.05 -1.75
C ALA B 262 6.60 12.88 -2.55
N ARG B 263 5.85 11.80 -2.61
CA ARG B 263 6.36 10.48 -3.03
C ARG B 263 6.73 10.41 -4.52
N GLY B 264 6.21 11.34 -5.32
CA GLY B 264 6.46 11.31 -6.75
C GLY B 264 7.93 11.55 -7.07
N ASP B 265 8.42 12.75 -6.76
CA ASP B 265 9.86 13.06 -6.88
C ASP B 265 10.75 12.20 -5.98
N LEU B 266 10.27 11.89 -4.79
CA LEU B 266 11.05 11.12 -3.86
C LEU B 266 11.41 9.76 -4.46
N GLY B 267 10.42 9.11 -5.11
CA GLY B 267 10.61 7.78 -5.68
C GLY B 267 11.38 7.80 -6.99
N VAL B 268 11.66 8.99 -7.49
CA VAL B 268 12.70 9.19 -8.49
C VAL B 268 14.08 9.38 -7.82
N GLU B 269 14.14 10.13 -6.71
CA GLU B 269 15.43 10.51 -6.12
C GLU B 269 16.02 9.33 -5.36
N ILE B 270 15.15 8.53 -4.75
CA ILE B 270 15.68 7.37 -4.03
C ILE B 270 15.02 6.14 -4.57
N PRO B 271 15.65 4.98 -4.37
CA PRO B 271 15.05 3.78 -4.96
C PRO B 271 13.58 3.64 -4.52
N ALA B 272 12.71 3.31 -5.47
CA ALA B 272 11.27 3.35 -5.26
C ALA B 272 10.85 2.52 -4.04
N GLU B 273 11.51 1.38 -3.84
CA GLU B 273 11.17 0.50 -2.71
C GLU B 273 11.56 1.12 -1.35
N LYS B 274 12.40 2.14 -1.37
CA LYS B 274 12.77 2.82 -0.14
C LYS B 274 11.76 3.91 0.26
N VAL B 275 10.85 4.23 -0.64
CA VAL B 275 9.88 5.25 -0.33
C VAL B 275 8.96 4.82 0.84
N CYS B 276 8.74 3.50 1.00
CA CYS B 276 7.90 3.02 2.10
CA CYS B 276 7.91 3.03 2.11
C CYS B 276 8.57 3.20 3.47
N VAL B 277 9.87 3.04 3.50
CA VAL B 277 10.60 3.26 4.71
C VAL B 277 10.61 4.74 5.06
N ALA B 278 10.87 5.61 4.08
CA ALA B 278 10.88 7.03 4.37
C ALA B 278 9.48 7.46 4.87
N GLN B 279 8.45 6.96 4.23
CA GLN B 279 7.08 7.34 4.54
C GLN B 279 6.73 7.03 5.99
N MET B 280 6.97 5.79 6.38
CA MET B 280 6.72 5.36 7.73
C MET B 280 7.47 6.23 8.73
N CYS B 281 8.74 6.46 8.47
CA CYS B 281 9.60 7.20 9.36
C CYS B 281 9.13 8.66 9.49
N ILE B 282 8.94 9.31 8.34
CA ILE B 282 8.59 10.72 8.33
C ILE B 282 7.22 10.93 9.01
N ILE B 283 6.24 10.08 8.73
CA ILE B 283 4.94 10.25 9.32
C ILE B 283 5.01 10.10 10.84
N SER B 284 5.71 9.06 11.29
CA SER B 284 5.81 8.82 12.70
C SER B 284 6.57 9.94 13.41
N LYS B 285 7.57 10.52 12.73
CA LYS B 285 8.33 11.61 13.31
C LYS B 285 7.46 12.87 13.46
N CYS B 286 6.56 13.09 12.50
CA CYS B 286 5.60 14.19 12.62
C CYS B 286 4.58 13.95 13.71
N ASN B 287 4.06 12.72 13.81
CA ASN B 287 3.13 12.35 14.90
C ASN B 287 3.72 12.65 16.26
N VAL B 288 5.00 12.32 16.42
CA VAL B 288 5.66 12.45 17.72
C VAL B 288 5.78 13.93 18.16
N VAL B 289 6.01 14.85 17.23
CA VAL B 289 6.08 16.25 17.63
C VAL B 289 4.73 16.95 17.44
N GLY B 290 3.75 16.26 16.88
CA GLY B 290 2.41 16.85 16.79
C GLY B 290 2.29 17.91 15.71
N LYS B 291 2.88 17.64 14.53
CA LYS B 291 2.75 18.51 13.38
C LYS B 291 2.12 17.77 12.20
N PRO B 292 1.30 18.47 11.43
CA PRO B 292 0.49 17.78 10.38
C PRO B 292 1.35 17.22 9.28
N VAL B 293 1.00 16.04 8.82
CA VAL B 293 1.71 15.40 7.75
C VAL B 293 0.76 14.92 6.70
N ILE B 294 1.12 15.17 5.45
CA ILE B 294 0.32 14.83 4.30
C ILE B 294 1.02 13.75 3.51
N CYS B 295 0.30 12.68 3.18
CA CYS B 295 0.86 11.70 2.23
C CYS B 295 0.32 11.98 0.82
N ALA B 296 1.23 12.03 -0.15
CA ALA B 296 0.87 12.48 -1.51
C ALA B 296 1.35 11.55 -2.64
N THR B 297 0.58 11.54 -3.73
CA THR B 297 1.06 11.24 -5.08
C THR B 297 0.78 9.80 -5.53
N GLN B 298 -0.12 9.66 -6.49
CA GLN B 298 -0.46 8.39 -7.11
C GLN B 298 -1.26 7.45 -6.18
N MET B 299 -1.96 8.02 -5.21
CA MET B 299 -2.68 7.19 -4.23
C MET B 299 -3.87 6.47 -4.86
N LEU B 300 -4.55 7.12 -5.79
CA LEU B 300 -5.69 6.55 -6.47
C LEU B 300 -5.55 6.77 -8.00
N GLU B 301 -4.31 6.64 -8.48
CA GLU B 301 -3.92 7.11 -9.79
C GLU B 301 -4.86 6.60 -10.91
N SER B 302 -5.19 5.33 -10.89
CA SER B 302 -5.94 4.72 -11.96
C SER B 302 -7.36 5.32 -12.10
N MET B 303 -7.83 6.00 -11.08
CA MET B 303 -9.13 6.67 -11.16
C MET B 303 -9.06 7.97 -11.94
N THR B 304 -7.86 8.38 -12.31
CA THR B 304 -7.74 9.40 -13.32
C THR B 304 -8.55 9.02 -14.57
N SER B 305 -8.54 7.72 -14.92
CA SER B 305 -9.27 7.22 -16.12
C SER B 305 -10.38 6.22 -15.80
N ASN B 306 -10.35 5.60 -14.62
CA ASN B 306 -11.28 4.53 -14.31
C ASN B 306 -12.19 4.85 -13.14
N PRO B 307 -13.37 4.27 -13.15
CA PRO B 307 -14.39 4.73 -12.21
C PRO B 307 -14.23 4.04 -10.85
N ARG B 308 -13.35 3.06 -10.77
CA ARG B 308 -12.99 2.49 -9.46
C ARG B 308 -11.50 2.23 -9.40
N PRO B 309 -10.97 2.07 -8.18
CA PRO B 309 -9.51 2.05 -7.98
C PRO B 309 -8.99 0.63 -8.04
N THR B 310 -7.68 0.47 -8.25
CA THR B 310 -7.08 -0.87 -8.13
C THR B 310 -7.00 -1.30 -6.66
N ARG B 311 -6.78 -2.59 -6.44
CA ARG B 311 -6.59 -3.13 -5.12
C ARG B 311 -5.36 -2.51 -4.41
N ALA B 312 -4.28 -2.25 -5.15
CA ALA B 312 -3.07 -1.62 -4.58
C ALA B 312 -3.38 -0.20 -4.06
N GLU B 313 -4.21 0.52 -4.81
CA GLU B 313 -4.52 1.88 -4.50
C GLU B 313 -5.34 1.99 -3.22
N VAL B 314 -6.32 1.10 -3.07
CA VAL B 314 -7.07 1.06 -1.85
C VAL B 314 -6.20 0.78 -0.62
N SER B 315 -5.32 -0.22 -0.71
CA SER B 315 -4.41 -0.44 0.40
C SER B 315 -3.47 0.74 0.66
N ASP B 316 -3.11 1.47 -0.38
CA ASP B 316 -2.21 2.60 -0.23
C ASP B 316 -2.82 3.66 0.69
N VAL B 317 -4.07 4.01 0.41
CA VAL B 317 -4.74 5.04 1.19
C VAL B 317 -5.00 4.54 2.63
N ALA B 318 -5.40 3.28 2.77
CA ALA B 318 -5.70 2.73 4.09
C ALA B 318 -4.44 2.72 4.93
N ASN B 319 -3.33 2.38 4.29
CA ASN B 319 -2.07 2.28 5.00
C ASN B 319 -1.41 3.60 5.36
N ALA B 320 -1.66 4.65 4.55
CA ALA B 320 -1.23 5.98 4.91
C ALA B 320 -1.91 6.42 6.19
N VAL B 321 -3.21 6.11 6.28
CA VAL B 321 -4.01 6.41 7.46
C VAL B 321 -3.56 5.63 8.69
N LEU B 322 -3.27 4.35 8.49
CA LEU B 322 -2.78 3.52 9.59
C LEU B 322 -1.35 3.90 10.01
N ASN B 323 -0.53 4.36 9.05
CA ASN B 323 0.82 4.82 9.38
C ASN B 323 0.73 6.01 10.32
N GLY B 324 -0.30 6.84 10.12
CA GLY B 324 -0.52 8.00 11.03
C GLY B 324 -0.75 9.35 10.38
N ALA B 325 -0.84 9.36 9.06
CA ALA B 325 -0.96 10.61 8.31
C ALA B 325 -2.26 11.32 8.66
N ASP B 326 -2.17 12.64 8.84
CA ASP B 326 -3.35 13.46 9.01
C ASP B 326 -4.12 13.49 7.68
N CYS B 327 -3.39 13.74 6.58
CA CYS B 327 -4.01 13.98 5.29
C CYS B 327 -3.53 13.02 4.25
N VAL B 328 -4.37 12.80 3.25
CA VAL B 328 -3.97 12.18 2.01
C VAL B 328 -4.40 13.08 0.85
N MET B 329 -3.69 12.96 -0.27
CA MET B 329 -3.72 13.96 -1.31
C MET B 329 -4.07 13.33 -2.67
N LEU B 330 -4.80 14.09 -3.48
CA LEU B 330 -5.01 13.77 -4.89
C LEU B 330 -4.39 14.82 -5.80
N SER B 331 -3.72 14.35 -6.85
CA SER B 331 -3.08 15.25 -7.78
C SER B 331 -3.82 15.20 -9.11
N GLY B 332 -3.30 14.40 -10.05
CA GLY B 332 -3.98 14.23 -11.36
C GLY B 332 -5.42 13.75 -11.21
N GLU B 333 -5.70 12.99 -10.14
CA GLU B 333 -6.99 12.32 -9.98
C GLU B 333 -8.14 13.35 -9.94
N THR B 334 -7.86 14.53 -9.40
CA THR B 334 -8.84 15.62 -9.39
C THR B 334 -8.49 16.80 -10.35
N ALA B 335 -7.21 17.02 -10.63
CA ALA B 335 -6.86 18.12 -11.49
C ALA B 335 -7.37 17.88 -12.93
N LYS B 336 -7.18 16.66 -13.43
CA LYS B 336 -7.53 16.43 -14.80
C LYS B 336 -8.26 15.15 -15.10
N GLY B 337 -8.65 14.40 -14.06
CA GLY B 337 -9.23 13.07 -14.30
C GLY B 337 -10.69 13.13 -14.66
N LYS B 338 -11.26 12.00 -15.04
CA LYS B 338 -12.64 11.96 -15.48
C LYS B 338 -13.60 11.80 -14.32
N TYR B 339 -13.11 11.37 -13.17
CA TYR B 339 -13.98 10.99 -12.05
C TYR B 339 -13.60 11.70 -10.76
N PRO B 340 -13.49 13.02 -10.83
CA PRO B 340 -13.05 13.80 -9.66
C PRO B 340 -13.89 13.56 -8.40
N ASN B 341 -15.21 13.55 -8.52
CA ASN B 341 -16.05 13.32 -7.34
C ASN B 341 -15.95 11.91 -6.82
N GLU B 342 -15.98 10.96 -7.73
CA GLU B 342 -15.93 9.58 -7.34
C GLU B 342 -14.61 9.26 -6.61
N VAL B 343 -13.51 9.86 -7.07
CA VAL B 343 -12.23 9.49 -6.51
C VAL B 343 -12.10 10.04 -5.07
N VAL B 344 -12.60 11.25 -4.87
CA VAL B 344 -12.71 11.83 -3.52
C VAL B 344 -13.63 11.01 -2.61
N GLN B 345 -14.70 10.51 -3.17
CA GLN B 345 -15.66 9.75 -2.36
C GLN B 345 -15.09 8.41 -1.93
N TYR B 346 -14.40 7.72 -2.85
CA TYR B 346 -13.67 6.49 -2.54
C TYR B 346 -12.61 6.76 -1.47
N MET B 347 -11.83 7.83 -1.65
CA MET B 347 -10.80 8.19 -0.68
C MET B 347 -11.40 8.35 0.74
N ALA B 348 -12.45 9.15 0.83
CA ALA B 348 -13.18 9.32 2.08
C ALA B 348 -13.61 7.97 2.70
N ARG B 349 -14.11 7.06 1.88
CA ARG B 349 -14.62 5.80 2.41
C ARG B 349 -13.49 4.94 2.87
N ILE B 350 -12.38 4.97 2.14
CA ILE B 350 -11.21 4.18 2.53
C ILE B 350 -10.62 4.72 3.86
N CYS B 351 -10.57 6.06 4.02
CA CYS B 351 -10.10 6.68 5.25
C CYS B 351 -10.92 6.21 6.42
N VAL B 352 -12.24 6.20 6.24
CA VAL B 352 -13.13 5.79 7.32
C VAL B 352 -12.91 4.34 7.72
N GLU B 353 -12.66 3.45 6.74
CA GLU B 353 -12.42 2.01 7.07
C GLU B 353 -11.13 1.85 7.83
N ALA B 354 -10.07 2.50 7.34
CA ALA B 354 -8.78 2.48 8.02
C ALA B 354 -8.91 3.01 9.45
N GLN B 355 -9.56 4.17 9.60
CA GLN B 355 -9.85 4.74 10.90
C GLN B 355 -10.60 3.77 11.80
N SER B 356 -11.62 3.12 11.27
CA SER B 356 -12.43 2.19 12.10
C SER B 356 -11.65 0.94 12.48
N ALA B 357 -10.62 0.61 11.72
CA ALA B 357 -9.82 -0.58 12.01
C ALA B 357 -8.63 -0.23 12.93
N THR B 358 -8.46 1.06 13.25
CA THR B 358 -7.37 1.51 14.09
C THR B 358 -7.64 1.19 15.58
N HIS B 359 -6.68 0.61 16.28
CA HIS B 359 -6.80 0.43 17.71
C HIS B 359 -6.85 1.77 18.44
N ASP B 360 -7.99 2.07 19.08
CA ASP B 360 -8.22 3.36 19.80
C ASP B 360 -6.95 4.00 20.39
N THR B 361 -6.24 3.26 21.24
CA THR B 361 -5.45 3.88 22.30
C THR B 361 -3.98 3.62 22.09
N VAL B 362 -3.64 2.85 21.07
CA VAL B 362 -2.26 2.47 20.83
C VAL B 362 -1.41 3.67 20.44
N MET B 363 -1.92 4.45 19.50
CA MET B 363 -1.30 5.71 19.12
C MET B 363 -1.17 6.64 20.31
N PHE B 364 -2.27 6.86 21.02
CA PHE B 364 -2.26 7.75 22.18
C PHE B 364 -1.10 7.40 23.12
N ASN B 365 -1.01 6.12 23.50
CA ASN B 365 0.00 5.66 24.44
C ASN B 365 1.42 5.77 23.88
N SER B 366 1.56 5.39 22.62
CA SER B 366 2.85 5.44 21.95
C SER B 366 3.38 6.84 21.85
N ILE B 367 2.55 7.74 21.38
CA ILE B 367 2.93 9.13 21.29
C ILE B 367 3.27 9.71 22.69
N LYS B 368 2.44 9.41 23.68
CA LYS B 368 2.61 9.99 24.99
C LYS B 368 3.89 9.45 25.64
N ASN B 369 4.18 8.18 25.41
CA ASN B 369 5.34 7.56 26.04
C ASN B 369 6.66 8.14 25.49
N LEU B 370 6.63 8.88 24.39
CA LEU B 370 7.88 9.41 23.84
C LEU B 370 8.07 10.92 24.09
N GLN B 371 7.19 11.52 24.87
CA GLN B 371 7.32 12.93 25.16
C GLN B 371 8.28 13.13 26.33
N LYS B 372 9.09 14.17 26.27
CA LYS B 372 9.95 14.48 27.39
C LYS B 372 9.14 14.95 28.60
N ILE B 373 9.50 14.44 29.76
CA ILE B 373 8.94 14.92 31.03
C ILE B 373 10.00 15.77 31.72
N PRO B 374 9.61 16.93 32.28
CA PRO B 374 8.23 17.41 32.45
C PRO B 374 7.68 17.98 31.12
N MET B 375 6.37 17.81 30.86
CA MET B 375 5.72 18.51 29.74
C MET B 375 5.42 19.94 30.18
N CYS B 376 5.19 20.84 29.22
CA CYS B 376 4.51 22.12 29.45
CA CYS B 376 4.55 22.10 29.52
C CYS B 376 3.11 21.87 29.96
N PRO B 377 2.53 22.83 30.67
CA PRO B 377 1.27 22.49 31.28
C PRO B 377 0.15 22.36 30.26
N GLU B 378 0.22 23.08 29.15
CA GLU B 378 -0.88 22.98 28.16
C GLU B 378 -0.87 21.61 27.51
N GLU B 379 0.31 21.00 27.45
CA GLU B 379 0.40 19.72 26.85
C GLU B 379 -0.04 18.59 27.80
N ALA B 380 0.33 18.70 29.07
CA ALA B 380 -0.27 17.85 30.07
C ALA B 380 -1.81 17.94 30.03
N VAL B 381 -2.36 19.16 29.86
CA VAL B 381 -3.82 19.35 29.89
C VAL B 381 -4.45 18.69 28.63
N CYS B 382 -3.77 18.82 27.49
CA CYS B 382 -4.30 18.26 26.27
C CYS B 382 -4.17 16.76 26.19
N SER B 383 -3.01 16.20 26.56
CA SER B 383 -2.91 14.75 26.63
C SER B 383 -3.87 14.11 27.67
N SER B 384 -4.05 14.73 28.84
CA SER B 384 -4.93 14.13 29.84
CA SER B 384 -4.93 14.13 29.84
C SER B 384 -6.41 14.34 29.50
N ALA B 385 -6.69 15.34 28.69
CA ALA B 385 -8.06 15.54 28.21
C ALA B 385 -8.41 14.39 27.25
N VAL B 386 -7.48 14.04 26.39
CA VAL B 386 -7.69 12.94 25.50
C VAL B 386 -7.79 11.63 26.29
N ALA B 387 -6.94 11.45 27.29
CA ALA B 387 -7.08 10.26 28.12
C ALA B 387 -8.48 10.17 28.73
N SER B 388 -8.95 11.30 29.26
CA SER B 388 -10.20 11.30 29.97
C SER B 388 -11.38 11.11 28.97
N ALA B 389 -11.17 11.51 27.72
CA ALA B 389 -12.11 11.17 26.64
C ALA B 389 -12.23 9.65 26.39
N PHE B 390 -11.11 8.97 26.35
CA PHE B 390 -11.14 7.53 26.27
C PHE B 390 -11.83 6.92 27.48
N GLU B 391 -11.54 7.44 28.68
CA GLU B 391 -12.08 6.84 29.91
CA GLU B 391 -12.06 6.86 29.93
C GLU B 391 -13.60 6.88 29.97
N VAL B 392 -14.19 7.99 29.50
CA VAL B 392 -15.66 8.14 29.51
C VAL B 392 -16.33 7.82 28.17
N GLN B 393 -15.56 7.31 27.20
CA GLN B 393 -16.06 7.13 25.84
C GLN B 393 -16.74 8.41 25.34
N ALA B 394 -16.11 9.55 25.59
CA ALA B 394 -16.61 10.82 25.10
C ALA B 394 -16.89 10.77 23.58
N LYS B 395 -18.00 11.37 23.14
CA LYS B 395 -18.30 11.39 21.71
C LYS B 395 -17.71 12.58 20.98
N ALA B 396 -17.32 13.59 21.73
CA ALA B 396 -16.56 14.67 21.17
C ALA B 396 -15.69 15.36 22.20
N MET B 397 -14.75 16.16 21.72
CA MET B 397 -14.04 17.09 22.56
C MET B 397 -14.27 18.47 22.02
N LEU B 398 -14.00 19.49 22.84
CA LEU B 398 -14.26 20.87 22.44
C LEU B 398 -13.09 21.69 22.96
N VAL B 399 -12.45 22.44 22.07
CA VAL B 399 -11.31 23.26 22.47
C VAL B 399 -11.45 24.67 21.90
N LEU B 400 -11.11 25.66 22.72
CA LEU B 400 -10.97 27.05 22.26
C LEU B 400 -9.56 27.27 21.78
N SER B 401 -9.41 27.65 20.53
CA SER B 401 -8.08 27.92 20.01
C SER B 401 -8.15 29.04 19.02
N ASN B 402 -7.31 30.04 19.21
CA ASN B 402 -7.31 31.18 18.32
C ASN B 402 -6.27 31.04 17.21
N THR B 403 -5.12 30.51 17.57
CA THR B 403 -4.06 30.29 16.59
C THR B 403 -4.16 28.90 15.97
N GLY B 404 -4.90 27.99 16.62
CA GLY B 404 -4.95 26.62 16.20
C GLY B 404 -4.04 25.68 17.00
N ARG B 405 -3.13 26.27 17.77
CA ARG B 405 -2.12 25.55 18.52
C ARG B 405 -2.73 24.45 19.42
N SER B 406 -3.72 24.81 20.23
CA SER B 406 -4.29 23.89 21.19
C SER B 406 -5.07 22.80 20.49
N ALA B 407 -5.66 23.13 19.35
CA ALA B 407 -6.37 22.11 18.57
C ALA B 407 -5.38 21.10 18.04
N ARG B 408 -4.24 21.56 17.51
CA ARG B 408 -3.25 20.64 16.98
C ARG B 408 -2.63 19.82 18.14
N LEU B 409 -2.55 20.42 19.32
CA LEU B 409 -1.98 19.76 20.47
C LEU B 409 -2.90 18.61 20.96
N ILE B 410 -4.20 18.80 20.86
CA ILE B 410 -5.14 17.71 21.15
C ILE B 410 -5.13 16.64 20.08
N SER B 411 -5.08 17.06 18.81
CA SER B 411 -5.05 16.08 17.70
C SER B 411 -3.77 15.24 17.73
N LYS B 412 -2.71 15.82 18.28
CA LYS B 412 -1.47 15.13 18.43
C LYS B 412 -1.69 13.81 19.19
N TYR B 413 -2.58 13.81 20.18
CA TYR B 413 -2.82 12.60 21.00
C TYR B 413 -3.91 11.64 20.44
N ARG B 414 -4.39 11.92 19.22
CA ARG B 414 -5.14 10.97 18.44
C ARG B 414 -6.36 10.43 19.21
N PRO B 415 -7.25 11.32 19.68
CA PRO B 415 -8.50 10.79 20.17
C PRO B 415 -9.27 10.05 19.09
N ASN B 416 -10.27 9.25 19.49
CA ASN B 416 -11.04 8.52 18.47
C ASN B 416 -12.36 9.26 18.10
N CYS B 417 -12.55 10.46 18.62
CA CYS B 417 -13.77 11.25 18.39
C CYS B 417 -13.41 12.57 17.72
N PRO B 418 -14.43 13.32 17.26
CA PRO B 418 -14.16 14.64 16.66
C PRO B 418 -13.60 15.62 17.69
N ILE B 419 -12.70 16.48 17.24
CA ILE B 419 -12.26 17.60 18.07
C ILE B 419 -12.89 18.89 17.53
N ILE B 420 -13.91 19.36 18.22
CA ILE B 420 -14.55 20.62 17.82
C ILE B 420 -13.71 21.81 18.30
N CYS B 421 -13.21 22.60 17.36
CA CYS B 421 -12.44 23.80 17.71
C CYS B 421 -13.28 25.06 17.47
N VAL B 422 -13.54 25.80 18.54
CA VAL B 422 -14.09 27.15 18.43
C VAL B 422 -12.97 28.17 18.36
N THR B 423 -12.87 28.85 17.23
CA THR B 423 -11.78 29.76 17.01
C THR B 423 -12.34 31.15 16.76
N THR B 424 -11.50 32.17 16.92
CA THR B 424 -11.90 33.53 16.59
C THR B 424 -11.29 34.00 15.29
N ARG B 425 -10.58 33.12 14.59
CA ARG B 425 -9.94 33.49 13.34
C ARG B 425 -10.37 32.59 12.21
N LEU B 426 -10.86 33.18 11.13
CA LEU B 426 -11.29 32.37 9.98
C LEU B 426 -10.12 31.63 9.31
N GLN B 427 -8.93 32.22 9.35
CA GLN B 427 -7.77 31.55 8.77
C GLN B 427 -7.35 30.34 9.61
N THR B 428 -7.60 30.39 10.91
CA THR B 428 -7.44 29.21 11.75
C THR B 428 -8.39 28.05 11.37
N CYS B 429 -9.69 28.33 11.20
CA CYS B 429 -10.64 27.36 10.59
C CYS B 429 -10.07 26.73 9.35
N ARG B 430 -9.56 27.57 8.43
CA ARG B 430 -9.04 27.06 7.17
C ARG B 430 -7.80 26.20 7.33
N GLN B 431 -6.90 26.64 8.21
CA GLN B 431 -5.65 25.97 8.42
C GLN B 431 -5.78 24.66 9.20
N LEU B 432 -6.81 24.53 10.01
CA LEU B 432 -6.99 23.30 10.77
C LEU B 432 -7.50 22.17 9.93
N ASN B 433 -7.80 22.46 8.67
CA ASN B 433 -8.19 21.41 7.71
C ASN B 433 -7.12 20.37 7.46
N VAL B 434 -5.86 20.69 7.76
CA VAL B 434 -4.81 19.67 7.59
C VAL B 434 -4.56 18.86 8.89
N THR B 435 -5.39 19.05 9.89
CA THR B 435 -5.21 18.38 11.16
C THR B 435 -6.29 17.35 11.48
N ARG B 436 -5.86 16.12 11.70
CA ARG B 436 -6.77 14.98 11.89
C ARG B 436 -7.80 15.28 12.95
N SER B 437 -9.06 14.95 12.66
CA SER B 437 -10.16 14.97 13.66
C SER B 437 -10.84 16.33 13.86
N VAL B 438 -10.13 17.41 13.55
CA VAL B 438 -10.63 18.75 13.90
C VAL B 438 -11.77 19.23 13.00
N VAL B 439 -12.78 19.82 13.64
CA VAL B 439 -13.87 20.50 12.95
C VAL B 439 -14.08 21.88 13.60
N SER B 440 -13.97 22.93 12.80
CA SER B 440 -13.87 24.32 13.32
C SER B 440 -15.22 25.01 13.32
N VAL B 441 -15.47 25.83 14.34
CA VAL B 441 -16.55 26.80 14.30
C VAL B 441 -16.02 28.19 14.55
N PHE B 442 -16.53 29.16 13.78
CA PHE B 442 -16.06 30.53 13.91
C PHE B 442 -16.84 31.32 14.94
N TYR B 443 -16.13 31.92 15.88
CA TYR B 443 -16.77 32.81 16.82
C TYR B 443 -16.40 34.21 16.45
N ASP B 444 -17.42 35.04 16.21
CA ASP B 444 -17.22 36.40 15.74
C ASP B 444 -17.20 37.37 16.93
N ALA B 445 -16.00 37.66 17.45
CA ALA B 445 -15.89 38.44 18.70
C ALA B 445 -16.24 39.92 18.50
N ALA B 446 -16.00 40.43 17.29
CA ALA B 446 -16.43 41.78 16.95
C ALA B 446 -17.96 41.88 17.01
N LYS B 447 -18.63 40.83 16.57
CA LYS B 447 -20.07 40.86 16.48
C LYS B 447 -20.75 40.41 17.77
N SER B 448 -20.12 39.53 18.55
CA SER B 448 -20.79 38.96 19.72
C SER B 448 -20.19 39.35 21.04
N GLY B 449 -19.00 39.95 20.99
CA GLY B 449 -18.33 40.40 22.21
C GLY B 449 -17.17 39.49 22.59
N GLU B 450 -16.50 39.81 23.68
CA GLU B 450 -15.11 39.40 23.85
C GLU B 450 -14.95 38.06 24.60
N ASP B 451 -16.00 37.67 25.33
CA ASP B 451 -16.10 36.33 25.89
C ASP B 451 -14.91 35.93 26.77
N LYS B 452 -14.49 36.84 27.64
CA LYS B 452 -13.37 36.58 28.56
C LYS B 452 -13.60 35.32 29.42
N ASP B 453 -14.87 35.05 29.74
CA ASP B 453 -15.20 33.89 30.55
C ASP B 453 -15.58 32.62 29.73
N LYS B 454 -15.41 32.66 28.40
CA LYS B 454 -15.46 31.48 27.50
C LYS B 454 -16.85 31.00 27.19
N GLU B 455 -17.83 31.45 27.97
CA GLU B 455 -19.12 30.81 28.02
C GLU B 455 -19.89 30.86 26.68
N LYS B 456 -19.75 31.96 25.94
CA LYS B 456 -20.36 32.04 24.60
C LYS B 456 -19.70 31.09 23.61
N ARG B 457 -18.39 30.96 23.70
CA ARG B 457 -17.67 30.12 22.75
C ARG B 457 -17.91 28.68 23.05
N VAL B 458 -18.12 28.37 24.33
CA VAL B 458 -18.40 27.00 24.73
C VAL B 458 -19.81 26.64 24.34
N LYS B 459 -20.73 27.57 24.59
CA LYS B 459 -22.10 27.44 24.13
C LYS B 459 -22.15 27.16 22.62
N LEU B 460 -21.45 27.98 21.85
CA LEU B 460 -21.45 27.85 20.41
C LEU B 460 -20.92 26.45 20.01
N GLY B 461 -19.91 25.98 20.73
CA GLY B 461 -19.29 24.69 20.43
C GLY B 461 -20.21 23.52 20.76
N LEU B 462 -20.88 23.60 21.90
CA LEU B 462 -21.80 22.54 22.30
C LEU B 462 -23.05 22.54 21.42
N ASP B 463 -23.50 23.73 21.01
CA ASP B 463 -24.61 23.83 20.05
C ASP B 463 -24.21 23.17 18.73
N PHE B 464 -23.01 23.51 18.26
CA PHE B 464 -22.48 22.92 17.04
C PHE B 464 -22.47 21.40 17.15
N ALA B 465 -22.00 20.90 18.29
CA ALA B 465 -21.89 19.43 18.47
C ALA B 465 -23.27 18.76 18.31
N LYS B 466 -24.29 19.39 18.87
CA LYS B 466 -25.69 18.93 18.77
C LYS B 466 -26.17 19.00 17.33
N LYS B 467 -26.04 20.17 16.72
CA LYS B 467 -26.47 20.41 15.36
C LYS B 467 -25.89 19.39 14.41
N GLU B 468 -24.58 19.28 14.39
CA GLU B 468 -23.91 18.42 13.44
C GLU B 468 -23.97 16.95 13.84
N LYS B 469 -24.70 16.64 14.91
CA LYS B 469 -24.96 15.24 15.26
C LYS B 469 -23.72 14.50 15.75
N TYR B 470 -22.75 15.23 16.31
CA TYR B 470 -21.62 14.56 16.97
C TYR B 470 -22.02 13.96 18.32
N ALA B 471 -22.84 14.69 19.05
CA ALA B 471 -23.33 14.19 20.29
C ALA B 471 -24.69 14.81 20.51
N SER B 472 -25.43 14.24 21.45
CA SER B 472 -26.69 14.79 21.81
C SER B 472 -26.89 14.81 23.31
N THR B 473 -27.99 15.44 23.69
CA THR B 473 -28.34 15.65 25.09
C THR B 473 -27.94 14.48 25.97
N GLY B 474 -27.25 14.77 27.07
CA GLY B 474 -26.86 13.71 28.03
C GLY B 474 -25.52 13.02 27.78
N ASP B 475 -24.91 13.27 26.62
CA ASP B 475 -23.57 12.77 26.32
C ASP B 475 -22.51 13.65 26.99
N VAL B 476 -21.42 13.01 27.42
CA VAL B 476 -20.25 13.72 27.95
C VAL B 476 -19.35 14.28 26.83
N VAL B 477 -18.95 15.53 26.97
CA VAL B 477 -18.04 16.17 26.06
C VAL B 477 -16.85 16.69 26.89
N VAL B 478 -15.63 16.44 26.41
CA VAL B 478 -14.44 16.90 27.13
C VAL B 478 -14.06 18.28 26.61
N VAL B 479 -13.98 19.26 27.52
CA VAL B 479 -13.92 20.67 27.14
C VAL B 479 -12.62 21.31 27.66
N VAL B 480 -11.84 21.87 26.74
CA VAL B 480 -10.47 22.37 27.07
C VAL B 480 -10.38 23.85 26.72
N HIS B 481 -10.05 24.66 27.73
CA HIS B 481 -9.67 26.04 27.52
C HIS B 481 -8.97 26.57 28.79
N ALA B 482 -8.88 27.88 28.96
CA ALA B 482 -8.26 28.41 30.18
C ALA B 482 -9.31 28.66 31.24
N ASP B 483 -8.86 28.79 32.50
CA ASP B 483 -9.73 29.28 33.54
C ASP B 483 -9.85 30.80 33.41
N HIS B 484 -10.37 31.44 34.43
CA HIS B 484 -10.73 32.83 34.29
C HIS B 484 -9.58 33.80 34.29
N SER B 485 -8.39 33.35 34.68
CA SER B 485 -7.23 34.28 34.72
C SER B 485 -6.05 33.96 33.82
N VAL B 486 -5.79 32.69 33.58
CA VAL B 486 -4.65 32.28 32.76
C VAL B 486 -4.84 32.66 31.29
N LYS B 487 -3.86 33.36 30.72
CA LYS B 487 -3.92 33.76 29.31
C LYS B 487 -2.82 33.08 28.49
N GLY B 488 -3.13 32.78 27.22
CA GLY B 488 -2.10 32.38 26.25
C GLY B 488 -2.02 30.89 25.96
N TYR B 489 -2.69 30.08 26.77
CA TYR B 489 -2.75 28.64 26.57
C TYR B 489 -3.83 28.12 27.49
N PRO B 490 -4.31 26.89 27.23
CA PRO B 490 -5.36 26.30 28.05
C PRO B 490 -4.79 25.55 29.27
N ASN B 491 -5.25 25.88 30.48
CA ASN B 491 -4.74 25.21 31.67
C ASN B 491 -5.82 24.36 32.36
N GLN B 492 -6.95 24.17 31.66
CA GLN B 492 -8.16 23.60 32.28
C GLN B 492 -8.85 22.57 31.33
N THR B 493 -9.30 21.45 31.91
CA THR B 493 -10.15 20.49 31.22
C THR B 493 -11.39 20.26 32.04
N ARG B 494 -12.55 20.13 31.38
CA ARG B 494 -13.82 19.80 32.07
C ARG B 494 -14.57 18.70 31.34
N LEU B 495 -15.28 17.87 32.10
CA LEU B 495 -16.24 16.95 31.51
C LEU B 495 -17.61 17.51 31.70
N ILE B 496 -18.29 17.73 30.59
CA ILE B 496 -19.58 18.39 30.62
C ILE B 496 -20.61 17.49 29.96
N TYR B 497 -21.75 17.35 30.61
CA TYR B 497 -22.89 16.73 29.91
C TYR B 497 -23.61 17.73 29.00
N LEU B 498 -23.95 17.30 27.80
CA LEU B 498 -24.75 18.13 26.89
C LEU B 498 -26.12 18.30 27.47
N PRO B 499 -26.55 19.57 27.64
CA PRO B 499 -27.87 19.91 28.22
C PRO B 499 -29.01 19.31 27.38
#